data_2N9Q
#
_entry.id   2N9Q
#
loop_
_entity.id
_entity.type
_entity.pdbx_description
1 polymer "DNA (5'-D(*GP*GP*(AZW)P*GP*G)-3')"
2 non-polymer 'POTASSIUM ION'
#
_entity_poly.entity_id   1
_entity_poly.type   'polydeoxyribonucleotide'
_entity_poly.pdbx_seq_one_letter_code
;(DG)(DG)(AZW)(DG)(DG)
;
_entity_poly.pdbx_strand_id   A,B,C,D
#
loop_
_chem_comp.id
_chem_comp.type
_chem_comp.name
_chem_comp.formula
AZW non-polymer '4-{(E)-[4-(hydroxymethyl)phenyl]diazenyl}benzyl dihydrogen phosphate' 'C14 H15 N2 O5 P'
DG DNA linking 2'-DEOXYGUANOSINE-5'-MONOPHOSPHATE 'C10 H14 N5 O7 P'
K non-polymer 'POTASSIUM ION' 'K 1'
#
# COMPACT_ATOMS: atom_id res chain seq x y z
P AZW A 3 -2.08 -13.23 4.28
OP1 AZW A 3 -1.48 -14.21 5.21
OP2 AZW A 3 -2.80 -13.71 3.08
O5' AZW A 3 -3.07 -12.29 5.11
C5' AZW A 3 -2.57 -11.43 6.13
C1A AZW A 3 -3.43 -10.18 6.21
C2A AZW A 3 -3.42 -9.41 7.37
C6A AZW A 3 -4.22 -9.79 5.11
C3A AZW A 3 -4.21 -8.25 7.45
C5A AZW A 3 -5.01 -8.64 5.20
C4A AZW A 3 -5.00 -7.86 6.37
N5A AZW A 3 -5.80 -6.71 6.46
C1B AZW A 3 -7.72 -2.07 6.64
C2B AZW A 3 -7.10 -2.59 7.79
C6B AZW A 3 -7.53 -2.68 5.40
C3B AZW A 3 -6.30 -3.74 7.69
C5B AZW A 3 -6.72 -3.82 5.31
C4B AZW A 3 -6.11 -4.36 6.45
N5B AZW A 3 -5.31 -5.50 6.35
C3' AZW A 3 -8.59 -0.84 6.74
O3' AZW A 3 -9.22 -0.76 8.02
H5' AZW A 3 -1.55 -11.16 5.92
H5'' AZW A 3 -2.62 -11.94 7.09
H2A AZW A 3 -2.80 -9.70 8.23
H6A AZW A 3 -4.22 -10.39 4.20
H3A AZW A 3 -4.20 -7.65 8.36
H5A AZW A 3 -5.62 -8.34 4.36
H2B AZW A 3 -7.25 -2.11 8.76
H6B AZW A 3 -8.00 -2.28 4.50
H3B AZW A 3 -5.81 -4.14 8.58
H5B AZW A 3 -6.57 -4.31 4.34
H3' AZW A 3 -7.99 0.08 6.62
H3'' AZW A 3 -9.39 -0.87 5.99
P AZW B 3 -12.80 5.57 -1.20
OP1 AZW B 3 -13.52 6.19 -2.34
OP2 AZW B 3 -13.28 5.81 0.17
O5' AZW B 3 -12.74 4.00 -1.44
C5' AZW B 3 -12.83 3.43 -2.75
C1A AZW B 3 -12.38 1.99 -2.69
C2A AZW B 3 -13.14 0.99 -3.33
C6A AZW B 3 -11.21 1.66 -2.01
C3A AZW B 3 -12.72 -0.34 -3.28
C5A AZW B 3 -10.78 0.32 -1.97
C4A AZW B 3 -11.54 -0.67 -2.59
N5A AZW B 3 -11.10 -2.02 -2.54
C1B AZW B 3 -8.54 -6.36 -2.80
C2B AZW B 3 -9.24 -5.91 -3.92
C6B AZW B 3 -8.31 -5.50 -1.72
C3B AZW B 3 -9.71 -4.60 -3.97
C5B AZW B 3 -8.77 -4.18 -1.77
C4B AZW B 3 -9.47 -3.72 -2.90
N5B AZW B 3 -9.93 -2.39 -2.95
C3' AZW B 3 -8.03 -7.79 -2.73
O3' AZW B 3 -8.60 -8.59 -3.77
H5' AZW B 3 -12.20 3.99 -3.43
H5'' AZW B 3 -13.87 3.48 -3.09
H2A AZW B 3 -14.05 1.25 -3.86
H6A AZW B 3 -10.63 2.42 -1.52
H3A AZW B 3 -13.31 -1.12 -3.76
H5A AZW B 3 -9.87 0.06 -1.44
H2B AZW B 3 -9.43 -6.58 -4.76
H6B AZW B 3 -7.76 -5.85 -0.84
H3B AZW B 3 -10.26 -4.24 -4.85
H5B AZW B 3 -8.59 -3.51 -0.94
H3' AZW B 3 -6.95 -7.82 -2.87
H3'' AZW B 3 -8.30 -8.25 -1.78
P AZW C 3 10.44 1.97 9.25
OP1 AZW C 3 11.12 0.98 10.11
OP2 AZW C 3 10.33 3.38 9.71
O5' AZW C 3 11.15 1.97 7.82
C5' AZW C 3 11.74 0.78 7.31
C1A AZW C 3 11.59 0.73 5.81
C2A AZW C 3 11.50 -0.49 5.14
C6A AZW C 3 11.57 1.92 5.06
C3A AZW C 3 11.37 -0.55 3.76
C5A AZW C 3 11.45 1.88 3.67
C4A AZW C 3 11.34 0.64 3.01
N5A AZW C 3 11.24 0.58 1.60
C1B AZW C 3 9.85 0.11 -3.21
C2B AZW C 3 10.59 -0.84 -2.50
C6B AZW C 3 9.19 1.15 -2.52
C3B AZW C 3 10.67 -0.76 -1.11
C5B AZW C 3 9.28 1.23 -1.12
C4B AZW C 3 10.03 0.27 -0.42
N5B AZW C 3 10.12 0.34 0.99
C3' AZW C 3 9.75 0.04 -4.72
O3' AZW C 3 10.96 -0.48 -5.28
H5' AZW C 3 11.24 -0.09 7.74
H5'' AZW C 3 12.79 0.75 7.57
H2A AZW C 3 11.52 -1.43 5.72
H6A AZW C 3 11.65 2.88 5.56
H3A AZW C 3 11.28 -1.51 3.24
H5A AZW C 3 11.42 2.80 3.09
H2B AZW C 3 11.09 -1.65 -3.03
H6B AZW C 3 8.61 1.89 -3.07
H3B AZW C 3 11.26 -1.50 -0.56
H5B AZW C 3 8.78 2.03 -0.59
H3' AZW C 3 8.95 -0.62 -5.03
H3'' AZW C 3 9.61 1.04 -5.14
P AZW D 3 1.53 5.49 -11.34
OP1 AZW D 3 1.10 5.35 -9.93
OP2 AZW D 3 0.53 5.33 -12.42
O5' AZW D 3 2.18 6.94 -11.49
C5' AZW D 3 3.55 7.19 -11.14
C1A AZW D 3 3.72 7.22 -9.64
C2A AZW D 3 3.11 8.23 -8.88
C6A AZW D 3 4.50 6.25 -9.00
C3A AZW D 3 3.30 8.29 -7.49
C5A AZW D 3 4.70 6.30 -7.62
C4A AZW D 3 4.09 7.32 -6.86
N5A AZW D 3 4.32 7.38 -5.47
C1B AZW D 3 6.04 8.24 -0.78
C2B AZW D 3 5.30 9.25 -1.41
C6B AZW D 3 6.53 7.17 -1.54
C3B AZW D 3 5.04 9.19 -2.79
C5B AZW D 3 6.28 7.10 -2.92
C4B AZW D 3 5.54 8.11 -3.55
N5B AZW D 3 5.30 8.05 -4.94
C3' AZW D 3 6.30 8.28 0.71
O3' AZW D 3 6.75 9.58 1.12
H5' AZW D 3 3.85 8.15 -11.56
H5'' AZW D 3 4.18 6.40 -11.56
H2A AZW D 3 2.49 8.98 -9.37
H6A AZW D 3 4.98 5.46 -9.59
H3A AZW D 3 2.85 9.08 -6.91
H5A AZW D 3 5.31 5.55 -7.12
H2B AZW D 3 4.91 10.09 -0.83
H6B AZW D 3 7.11 6.38 -1.05
H3B AZW D 3 4.46 9.97 -3.28
H5B AZW D 3 6.67 6.27 -3.50
H3' AZW D 3 5.39 8.07 1.28
H3'' AZW D 3 7.09 7.58 0.98
K K E . -3.54 -1.78 0.72
K K F . -0.08 -0.07 -0.19
K K G . 3.38 1.72 -0.88
P AZW A 3 -1.70 -13.42 4.05
OP1 AZW A 3 -0.70 -14.42 4.49
OP2 AZW A 3 -2.72 -13.80 3.03
O5' AZW A 3 -2.48 -12.88 5.34
C5' AZW A 3 -1.86 -11.96 6.23
C1A AZW A 3 -2.61 -10.64 6.21
C2A AZW A 3 -2.45 -9.76 7.29
C6A AZW A 3 -3.42 -10.30 5.13
C3A AZW A 3 -3.12 -8.52 7.28
C5A AZW A 3 -4.09 -9.06 5.12
C4A AZW A 3 -3.94 -8.17 6.20
N5A AZW A 3 -4.58 -6.92 6.19
C1B AZW A 3 -7.63 -2.92 6.39
C2B AZW A 3 -7.70 -3.73 7.54
C6B AZW A 3 -6.98 -3.41 5.24
C3B AZW A 3 -7.12 -5.00 7.54
C5B AZW A 3 -6.41 -4.68 5.25
C4B AZW A 3 -6.47 -5.48 6.40
N5B AZW A 3 -5.85 -6.75 6.41
C3' AZW A 3 -8.22 -1.53 6.38
O3' AZW A 3 -9.21 -1.39 7.40
H5' AZW A 3 -0.82 -11.80 5.94
H5'' AZW A 3 -1.88 -12.37 7.24
H2A AZW A 3 -1.83 -10.02 8.13
H6A AZW A 3 -3.54 -10.98 4.29
H3A AZW A 3 -3.01 -7.84 8.12
H5A AZW A 3 -4.74 -8.79 4.28
H2B AZW A 3 -8.20 -3.36 8.43
H6B AZW A 3 -6.93 -2.80 4.34
H3B AZW A 3 -7.17 -5.62 8.43
H5B AZW A 3 -5.90 -5.06 4.35
H3' AZW A 3 -7.46 -0.78 6.58
H3'' AZW A 3 -8.71 -1.33 5.43
P AZW B 3 -13.32 5.57 -0.13
OP1 AZW B 3 -14.17 6.38 -1.03
OP2 AZW B 3 -13.47 5.69 1.34
O5' AZW B 3 -13.53 4.03 -0.52
C5' AZW B 3 -13.46 3.59 -1.87
C1A AZW B 3 -12.65 2.32 -1.97
C2A AZW B 3 -12.67 1.58 -3.16
C6A AZW B 3 -11.87 1.88 -0.88
C3A AZW B 3 -11.90 0.41 -3.26
C5A AZW B 3 -11.10 0.71 -1.00
C4A AZW B 3 -11.12 -0.02 -2.19
N5A AZW B 3 -10.34 -1.18 -2.31
C1B AZW B 3 -8.40 -5.81 -2.44
C2B AZW B 3 -8.65 -5.01 -3.55
C6B AZW B 3 -8.93 -5.48 -1.19
C3B AZW B 3 -9.46 -3.87 -3.41
C5B AZW B 3 -9.73 -4.33 -1.05
C4B AZW B 3 -9.99 -3.53 -2.17
N5B AZW B 3 -10.79 -2.37 -2.04
C3' AZW B 3 -7.51 -7.04 -2.57
O3' AZW B 3 -8.21 -8.08 -3.25
H5' AZW B 3 -13.00 4.37 -2.48
H5'' AZW B 3 -14.47 3.41 -2.23
H2A AZW B 3 -13.27 1.91 -4.00
H6A AZW B 3 -11.85 2.45 0.05
H3A AZW B 3 -11.92 -0.15 -4.20
H5A AZW B 3 -10.49 0.38 -0.16
H2B AZW B 3 -8.23 -5.27 -4.52
H6B AZW B 3 -8.73 -6.10 -0.32
H3B AZW B 3 -9.66 -3.25 -4.29
H5B AZW B 3 -10.16 -4.07 -0.09
H3' AZW B 3 -6.62 -6.82 -3.16
H3'' AZW B 3 -7.24 -7.43 -1.60
P AZW C 3 10.61 2.42 8.56
OP1 AZW C 3 11.49 1.54 9.36
OP2 AZW C 3 10.65 3.89 8.77
O5' AZW C 3 10.88 2.15 7.02
C5' AZW C 3 11.16 0.82 6.56
C1A AZW C 3 10.95 0.75 5.06
C2A AZW C 3 10.56 -0.46 4.47
C6A AZW C 3 11.16 1.88 4.26
C3A AZW C 3 10.38 -0.54 3.08
C5A AZW C 3 10.99 1.80 2.88
C4A AZW C 3 10.59 0.60 2.28
N5A AZW C 3 10.43 0.51 0.88
C1B AZW C 3 10.54 -0.76 -4.02
C2B AZW C 3 11.78 -1.06 -3.43
C6B AZW C 3 9.47 -0.34 -3.22
C3B AZW C 3 11.95 -0.92 -2.04
C5B AZW C 3 9.64 -0.20 -1.83
C4B AZW C 3 10.88 -0.50 -1.24
N5B AZW C 3 11.04 -0.39 0.16
C3' AZW C 3 10.33 -0.92 -5.51
O3' AZW C 3 11.46 -1.54 -6.12
H5' AZW C 3 10.49 0.11 7.05
H5'' AZW C 3 12.19 0.56 6.79
H2A AZW C 3 10.40 -1.35 5.09
H6A AZW C 3 11.46 2.83 4.72
H3A AZW C 3 10.08 -1.48 2.63
H5A AZW C 3 11.16 2.68 2.25
H2B AZW C 3 12.62 -1.39 -4.04
H6B AZW C 3 8.51 -0.10 -3.67
H3B AZW C 3 12.91 -1.15 -1.58
H5B AZW C 3 8.80 0.13 -1.21
H3' AZW C 3 9.47 -1.54 -5.73
H3'' AZW C 3 10.22 0.07 -5.98
P AZW D 3 4.76 5.04 -12.35
OP1 AZW D 3 4.37 6.01 -13.39
OP2 AZW D 3 5.83 4.06 -12.64
O5' AZW D 3 5.17 5.86 -11.04
C5' AZW D 3 4.22 6.70 -10.39
C1A AZW D 3 4.66 7.01 -8.98
C2A AZW D 3 3.82 7.73 -8.13
C6A AZW D 3 5.93 6.59 -8.52
C3A AZW D 3 4.22 8.04 -6.82
C5A AZW D 3 6.33 6.90 -7.20
C4A AZW D 3 5.48 7.62 -6.36
N5A AZW D 3 5.89 7.96 -5.05
C1B AZW D 3 6.26 8.89 -0.10
C2B AZW D 3 5.95 9.90 -1.05
C6B AZW D 3 6.19 7.55 -0.48
C3B AZW D 3 5.58 9.55 -2.34
C5B AZW D 3 5.82 7.21 -1.78
C4B AZW D 3 5.51 8.20 -2.71
N5B AZW D 3 5.11 7.85 -4.02
C3' AZW D 3 6.63 9.26 1.31
O3' AZW D 3 6.93 10.65 1.44
H5' AZW D 3 3.25 6.20 -10.36
H5'' AZW D 3 4.11 7.63 -10.94
H2A AZW D 3 2.84 8.06 -8.48
H6A AZW D 3 6.60 6.03 -9.16
H3A AZW D 3 3.57 8.60 -6.17
H5A AZW D 3 7.30 6.57 -6.84
H2B AZW D 3 6.00 10.95 -0.77
H6B AZW D 3 6.43 6.77 0.24
H3B AZW D 3 5.35 10.32 -3.07
H5B AZW D 3 5.77 6.15 -2.07
H3' AZW D 3 5.81 9.04 2.00
H3'' AZW D 3 7.53 8.71 1.61
K K E . -3.41 -1.61 0.52
K K F . -0.05 0.08 -0.26
K K G . 3.40 1.64 -0.95
P AZW A 3 -0.41 -12.82 5.06
OP1 AZW A 3 0.87 -12.19 5.45
OP2 AZW A 3 -0.42 -14.21 4.53
O5' AZW A 3 -1.40 -12.75 6.31
C5' AZW A 3 -2.81 -12.60 6.08
C1A AZW A 3 -3.20 -11.14 6.17
C2A AZW A 3 -2.88 -10.38 7.31
C6A AZW A 3 -3.93 -10.55 5.12
C3A AZW A 3 -3.30 -9.04 7.39
C5A AZW A 3 -4.34 -9.23 5.21
C4A AZW A 3 -4.02 -8.46 6.34
N5A AZW A 3 -4.49 -7.12 6.44
C1B AZW A 3 -7.35 -2.91 6.45
C2B AZW A 3 -6.92 -3.57 7.61
C6B AZW A 3 -7.21 -3.54 5.21
C3B AZW A 3 -6.37 -4.86 7.53
C5B AZW A 3 -6.65 -4.82 5.12
C4B AZW A 3 -6.23 -5.49 6.28
N5B AZW A 3 -5.73 -6.80 6.19
C3' AZW A 3 -7.98 -1.54 6.55
O3' AZW A 3 -8.99 -1.51 7.55
H5' AZW A 3 -3.36 -13.16 6.83
H5'' AZW A 3 -3.07 -12.98 5.10
H2A AZW A 3 -2.31 -10.83 8.12
H6A AZW A 3 -4.17 -11.15 4.25
H3A AZW A 3 -3.05 -8.44 8.28
H5A AZW A 3 -4.90 -8.78 4.39
H2B AZW A 3 -7.02 -3.09 8.58
H6B AZW A 3 -7.54 -3.03 4.29
H3B AZW A 3 -6.04 -5.37 8.43
H5B AZW A 3 -6.55 -5.31 4.15
H3' AZW A 3 -7.25 -0.79 6.80
H3'' AZW A 3 -8.47 -1.28 5.61
P AZW B 3 -13.04 5.68 -0.77
OP1 AZW B 3 -13.63 6.45 -1.89
OP2 AZW B 3 -13.50 5.94 0.61
O5' AZW B 3 -13.24 4.13 -1.06
C5' AZW B 3 -13.17 3.60 -2.39
C1A AZW B 3 -12.60 2.21 -2.36
C2A AZW B 3 -12.17 1.62 -3.57
C6A AZW B 3 -12.48 1.48 -1.16
C3A AZW B 3 -11.65 0.33 -3.57
C5A AZW B 3 -11.96 0.19 -1.17
C4A AZW B 3 -11.55 -0.39 -2.37
N5A AZW B 3 -11.07 -1.71 -2.39
C1B AZW B 3 -8.36 -5.94 -2.69
C2B AZW B 3 -9.24 -5.46 -3.68
C6B AZW B 3 -7.98 -5.12 -1.63
C3B AZW B 3 -9.72 -4.15 -3.60
C5B AZW B 3 -8.46 -3.80 -1.56
C4B AZW B 3 -9.33 -3.33 -2.55
N5B AZW B 3 -9.80 -2.00 -2.50
C3' AZW B 3 -7.83 -7.36 -2.77
O3' AZW B 3 -8.61 -8.16 -3.65
H5' AZW B 3 -12.54 4.25 -2.99
H5'' AZW B 3 -14.17 3.59 -2.82
H2A AZW B 3 -12.25 2.17 -4.50
H6A AZW B 3 -12.80 1.94 -0.22
H3A AZW B 3 -11.32 -0.12 -4.51
H5A AZW B 3 -11.87 -0.36 -0.24
H2B AZW B 3 -9.54 -6.10 -4.50
H6B AZW B 3 -7.30 -5.48 -0.87
H3B AZW B 3 -10.39 -3.79 -4.37
H5B AZW B 3 -8.16 -3.14 -0.74
H3' AZW B 3 -6.81 -7.37 -3.15
H3'' AZW B 3 -7.87 -7.84 -1.79
P AZW C 3 10.58 3.34 9.10
OP1 AZW C 3 11.09 2.76 10.37
OP2 AZW C 3 10.31 4.78 9.01
O5' AZW C 3 11.59 2.95 7.93
C5' AZW C 3 11.82 1.58 7.57
C1A AZW C 3 11.67 1.39 6.08
C2A AZW C 3 11.95 0.13 5.51
C6A AZW C 3 11.29 2.46 5.25
C3A AZW C 3 11.84 -0.06 4.14
C5A AZW C 3 11.17 2.26 3.86
C4A AZW C 3 11.45 1.00 3.31
N5A AZW C 3 11.32 0.79 1.92
C1B AZW C 3 9.88 0.23 -2.87
C2B AZW C 3 9.98 -0.85 -1.98
C6B AZW C 3 9.88 1.54 -2.37
C3B AZW C 3 10.09 -0.62 -0.61
C5B AZW C 3 9.98 1.77 -0.99
C4B AZW C 3 10.09 0.69 -0.12
N5B AZW C 3 10.20 0.91 1.27
C3' AZW C 3 9.78 -0.02 -4.36
O3' AZW C 3 11.02 -0.52 -4.86
H5' AZW C 3 11.09 0.94 8.09
H5'' AZW C 3 12.82 1.28 7.88
H2A AZW C 3 12.25 -0.69 6.16
H6A AZW C 3 11.07 3.43 5.67
H3A AZW C 3 12.04 -1.03 3.71
H5A AZW C 3 10.87 3.08 3.22
H2B AZW C 3 9.98 -1.87 -2.36
H6B AZW C 3 9.79 2.38 -3.07
H3B AZW C 3 10.17 -1.46 0.07
H5B AZW C 3 9.99 2.79 -0.61
H3' AZW C 3 9.03 -0.78 -4.58
H3'' AZW C 3 9.57 0.90 -4.89
P AZW D 3 3.74 4.94 -12.98
OP1 AZW D 3 2.76 5.18 -14.07
OP2 AZW D 3 4.99 4.20 -13.29
O5' AZW D 3 4.15 6.35 -12.37
C5' AZW D 3 3.25 7.10 -11.56
C1A AZW D 3 3.69 7.08 -10.11
C2A AZW D 3 2.79 7.45 -9.11
C6A AZW D 3 4.99 6.70 -9.77
C3A AZW D 3 3.19 7.46 -7.76
C5A AZW D 3 5.41 6.70 -8.43
C4A AZW D 3 4.50 7.08 -7.42
N5A AZW D 3 4.92 7.09 -6.07
C1B AZW D 3 5.91 8.11 -1.21
C2B AZW D 3 5.60 9.31 -1.87
C6B AZW D 3 5.79 6.89 -1.90
C3B AZW D 3 5.18 9.29 -3.20
C5B AZW D 3 5.37 6.87 -3.23
C4B AZW D 3 5.06 8.07 -3.89
N5B AZW D 3 4.63 8.05 -5.24
C3' AZW D 3 6.37 8.12 0.23
O3' AZW D 3 6.76 9.42 0.65
H5' AZW D 3 2.25 6.67 -11.64
H5'' AZW D 3 3.21 8.14 -11.91
H2A AZW D 3 1.78 7.74 -9.36
H6A AZW D 3 5.71 6.41 -10.55
H3A AZW D 3 2.50 7.75 -6.98
H5A AZW D 3 6.42 6.41 -8.17
H2B AZW D 3 5.70 10.26 -1.35
H6B AZW D 3 6.04 5.96 -1.39
H3B AZW D 3 4.94 10.22 -3.71
H5B AZW D 3 5.26 5.91 -3.75
H3' AZW D 3 5.56 7.79 0.89
H3'' AZW D 3 7.23 7.47 0.36
K K E . -3.52 -1.82 0.77
K K F . -0.16 -0.02 -0.15
K K G . 3.34 1.55 -0.97
P AZW A 3 -0.56 -12.97 4.89
OP1 AZW A 3 0.80 -12.62 5.33
OP2 AZW A 3 -0.83 -14.32 4.33
O5' AZW A 3 -1.57 -12.73 6.08
C5' AZW A 3 -2.96 -12.56 5.81
C1A AZW A 3 -3.34 -11.10 5.88
C2A AZW A 3 -2.92 -10.29 6.95
C6A AZW A 3 -4.16 -10.55 4.89
C3A AZW A 3 -3.33 -8.95 7.02
C5A AZW A 3 -4.57 -9.21 4.96
C4A AZW A 3 -4.16 -8.41 6.03
N5A AZW A 3 -4.62 -7.08 6.10
C1B AZW A 3 -7.49 -2.88 6.15
C2B AZW A 3 -7.32 -3.61 7.34
C6B AZW A 3 -7.10 -3.43 4.93
C3B AZW A 3 -6.76 -4.89 7.29
C5B AZW A 3 -6.54 -4.71 4.88
C4B AZW A 3 -6.38 -5.45 6.06
N5B AZW A 3 -5.87 -6.76 6.00
C3' AZW A 3 -8.13 -1.50 6.19
O3' AZW A 3 -9.08 -1.41 7.24
H5' AZW A 3 -3.55 -13.13 6.52
H5'' AZW A 3 -3.17 -12.93 4.80
H2A AZW A 3 -2.29 -10.71 7.73
H6A AZW A 3 -4.49 -11.17 4.05
H3A AZW A 3 -3.00 -8.32 7.85
H5A AZW A 3 -5.21 -8.80 4.18
H2B AZW A 3 -7.62 -3.18 8.30
H6B AZW A 3 -7.23 -2.86 4.00
H3B AZW A 3 -6.63 -5.46 8.21
H5B AZW A 3 -6.23 -5.13 3.93
H3' AZW A 3 -7.38 -0.72 6.36
H3'' AZW A 3 -8.66 -1.30 5.27
P AZW B 3 -12.42 5.45 -1.52
OP1 AZW B 3 -13.10 6.04 -2.71
OP2 AZW B 3 -13.08 5.55 -0.20
O5' AZW B 3 -12.12 3.92 -1.82
C5' AZW B 3 -11.40 3.52 -2.98
C1A AZW B 3 -10.96 2.08 -2.87
C2A AZW B 3 -10.38 1.45 -3.98
C6A AZW B 3 -11.11 1.37 -1.67
C3A AZW B 3 -9.95 0.12 -3.90
C5A AZW B 3 -10.68 0.03 -1.59
C4A AZW B 3 -10.10 -0.59 -2.69
N5A AZW B 3 -9.65 -1.92 -2.61
C1B AZW B 3 -8.34 -6.75 -3.36
C2B AZW B 3 -9.42 -6.44 -4.20
C6B AZW B 3 -7.73 -5.74 -2.59
C3B AZW B 3 -9.90 -5.11 -4.26
C5B AZW B 3 -8.21 -4.43 -2.65
C4B AZW B 3 -9.29 -4.11 -3.50
N5B AZW B 3 -9.75 -2.79 -3.58
C3' AZW B 3 -7.79 -8.16 -3.29
O3' AZW B 3 -8.37 -9.00 -4.28
H5' AZW B 3 -10.53 4.16 -3.10
H5'' AZW B 3 -12.04 3.62 -3.86
H2A AZW B 3 -10.24 2.01 -4.90
H6A AZW B 3 -11.57 1.84 -0.80
H3A AZW B 3 -9.49 -0.36 -4.76
H5A AZW B 3 -10.81 -0.52 -0.65
H2B AZW B 3 -9.90 -7.22 -4.80
H6B AZW B 3 -6.90 -5.98 -1.94
H3B AZW B 3 -10.75 -4.87 -4.91
H5B AZW B 3 -7.75 -3.65 -2.05
H3' AZW B 3 -6.71 -8.17 -3.46
H3'' AZW B 3 -8.02 -8.61 -2.32
P AZW C 3 10.88 2.10 8.55
OP1 AZW C 3 11.66 1.28 9.51
OP2 AZW C 3 11.02 3.58 8.57
O5' AZW C 3 11.20 1.59 7.08
C5' AZW C 3 11.14 0.20 6.76
C1A AZW C 3 10.89 0.03 5.28
C2A AZW C 3 10.52 -1.24 4.79
C6A AZW C 3 11.02 1.11 4.40
C3A AZW C 3 10.27 -1.41 3.42
C5A AZW C 3 10.78 0.94 3.03
C4A AZW C 3 10.40 -0.32 2.54
N5A AZW C 3 10.15 -0.50 1.16
C1B AZW C 3 10.08 -0.46 -3.88
C2B AZW C 3 11.19 -1.09 -3.30
C6B AZW C 3 9.24 0.34 -3.10
C3B AZW C 3 11.45 -0.91 -1.93
C5B AZW C 3 9.50 0.50 -1.74
C4B AZW C 3 10.60 -0.12 -1.15
N5B AZW C 3 10.86 0.05 0.23
C3' AZW C 3 9.78 -0.64 -5.36
O3' AZW C 3 10.89 -1.21 -6.05
H5' AZW C 3 10.33 -0.27 7.33
H5'' AZW C 3 12.08 -0.28 7.03
H2A AZW C 3 10.41 -2.08 5.47
H6A AZW C 3 11.31 2.09 4.77
H3A AZW C 3 9.99 -2.39 3.04
H5A AZW C 3 10.89 1.77 2.34
H2B AZW C 3 11.86 -1.70 -3.91
H6B AZW C 3 8.38 0.82 -3.55
H3B AZW C 3 12.32 -1.39 -1.48
H5B AZW C 3 8.84 1.12 -1.13
H3' AZW C 3 8.93 -1.32 -5.50
H3'' AZW C 3 9.59 0.32 -5.83
P AZW D 3 3.62 5.06 -11.93
OP1 AZW D 3 3.09 6.15 -12.77
OP2 AZW D 3 4.76 4.24 -12.43
O5' AZW D 3 4.06 5.69 -10.53
C5' AZW D 3 3.12 6.42 -9.73
C1A AZW D 3 3.63 6.54 -8.31
C2A AZW D 3 3.01 7.42 -7.43
C6A AZW D 3 4.72 5.75 -7.86
C3A AZW D 3 3.47 7.54 -6.11
C5A AZW D 3 5.17 5.87 -6.54
C4A AZW D 3 4.55 6.77 -5.66
N5A AZW D 3 4.99 6.88 -4.33
C1B AZW D 3 6.16 8.44 0.35
C2B AZW D 3 5.81 9.56 -0.41
C6B AZW D 3 6.13 7.17 -0.24
C3B AZW D 3 5.42 9.42 -1.75
C5B AZW D 3 5.75 7.02 -1.57
C4B AZW D 3 5.39 8.14 -2.33
N5B AZW D 3 4.97 8.00 -3.67
C3' AZW D 3 6.55 8.58 1.81
O3' AZW D 3 6.79 9.95 2.15
H5' AZW D 3 2.17 5.90 -9.73
H5'' AZW D 3 2.98 7.42 -10.14
H2A AZW D 3 2.17 8.02 -7.76
H6A AZW D 3 5.20 5.05 -8.55
H3A AZW D 3 2.98 8.23 -5.43
H5A AZW D 3 6.02 5.28 -6.21
H2B AZW D 3 5.84 10.56 0.03
H6B AZW D 3 6.40 6.29 0.35
H3B AZW D 3 5.15 10.29 -2.33
H5B AZW D 3 5.73 6.03 -2.02
H3' AZW D 3 5.74 8.24 2.46
H3'' AZW D 3 7.47 8.04 2.02
K K E . -3.41 -1.80 0.66
K K F . 0.01 -0.08 0.04
K K G . 3.39 1.59 -0.75
P AZW A 3 -1.54 -13.26 4.89
OP1 AZW A 3 -0.07 -13.10 5.09
OP2 AZW A 3 -2.10 -14.57 4.53
O5' AZW A 3 -2.27 -12.73 6.21
C5' AZW A 3 -3.67 -12.47 6.16
C1A AZW A 3 -3.96 -10.99 6.26
C2A AZW A 3 -3.71 -10.29 7.44
C6A AZW A 3 -4.53 -10.32 5.16
C3A AZW A 3 -4.05 -8.93 7.54
C5A AZW A 3 -4.87 -8.98 5.26
C4A AZW A 3 -4.64 -8.27 6.45
N5A AZW A 3 -5.05 -6.92 6.57
C1B AZW A 3 -7.72 -2.59 6.76
C2B AZW A 3 -6.79 -3.09 7.68
C6B AZW A 3 -8.15 -3.41 5.70
C3B AZW A 3 -6.31 -4.40 7.55
C5B AZW A 3 -7.66 -4.72 5.57
C4B AZW A 3 -6.75 -5.21 6.50
N5B AZW A 3 -6.29 -6.55 6.39
C3' AZW A 3 -8.26 -1.18 6.90
O3' AZW A 3 -9.00 -1.04 8.12
H5' AZW A 3 -4.17 -13.00 6.98
H5'' AZW A 3 -4.07 -12.85 5.22
H2A AZW A 3 -3.25 -10.79 8.29
H6A AZW A 3 -4.71 -10.86 4.24
H3A AZW A 3 -3.87 -8.38 8.46
H5A AZW A 3 -5.32 -8.45 4.41
H2B AZW A 3 -6.45 -2.46 8.50
H6B AZW A 3 -8.87 -3.02 4.97
H3B AZW A 3 -5.59 -4.79 8.29
H5B AZW A 3 -7.99 -5.34 4.74
H3' AZW A 3 -7.45 -0.45 6.93
H3'' AZW A 3 -8.95 -0.95 6.09
P AZW B 3 -12.39 5.92 -1.19
OP1 AZW B 3 -12.99 6.63 -2.36
OP2 AZW B 3 -12.90 6.19 0.16
O5' AZW B 3 -12.49 4.36 -1.47
C5' AZW B 3 -12.06 3.81 -2.72
C1A AZW B 3 -11.56 2.40 -2.52
C2A AZW B 3 -10.62 1.88 -3.42
C6A AZW B 3 -12.03 1.62 -1.47
C3A AZW B 3 -10.16 0.57 -3.26
C5A AZW B 3 -11.58 0.30 -1.31
C4A AZW B 3 -10.64 -0.22 -2.21
N5A AZW B 3 -10.21 -1.57 -2.10
C1B AZW B 3 -8.81 -6.35 -2.91
C2B AZW B 3 -9.95 -6.03 -3.67
C6B AZW B 3 -8.13 -5.35 -2.22
C3B AZW B 3 -10.39 -4.70 -3.72
C5B AZW B 3 -8.57 -4.02 -2.28
C4B AZW B 3 -9.69 -3.70 -3.03
N5B AZW B 3 -10.13 -2.36 -3.12
C3' AZW B 3 -8.32 -7.78 -2.85
O3' AZW B 3 -9.03 -8.62 -3.75
H5' AZW B 3 -11.26 4.44 -3.13
H5'' AZW B 3 -12.89 3.81 -3.42
H2A AZW B 3 -10.24 2.50 -4.23
H6A AZW B 3 -12.76 2.02 -0.77
H3A AZW B 3 -9.43 0.17 -3.96
H5A AZW B 3 -11.94 -0.31 -0.49
H2B AZW B 3 -10.49 -6.80 -4.21
H6B AZW B 3 -7.25 -5.60 -1.62
H3B AZW B 3 -11.29 -4.45 -4.28
H5B AZW B 3 -8.03 -3.25 -1.74
H3' AZW B 3 -7.27 -7.84 -3.13
H3'' AZW B 3 -8.47 -8.20 -1.85
P AZW C 3 10.32 2.38 8.83
OP1 AZW C 3 11.12 1.38 9.56
OP2 AZW C 3 10.27 3.78 9.32
O5' AZW C 3 10.80 2.40 7.32
C5' AZW C 3 11.38 1.24 6.73
C1A AZW C 3 10.95 1.12 5.27
C2A AZW C 3 11.17 -0.09 4.59
C6A AZW C 3 10.36 2.19 4.61
C3A AZW C 3 10.80 -0.21 3.24
C5A AZW C 3 9.99 2.08 3.26
C4A AZW C 3 10.21 0.87 2.58
N5A AZW C 3 9.88 0.76 1.21
C1B AZW C 3 9.91 0.17 -3.82
C2B AZW C 3 10.97 -0.56 -3.25
C6B AZW C 3 9.14 1.02 -3.01
C3B AZW C 3 11.24 -0.44 -1.88
C5B AZW C 3 9.42 1.14 -1.65
C4B AZW C 3 10.47 0.40 -1.08
N5B AZW C 3 10.77 0.52 0.29
C3' AZW C 3 9.60 0.06 -5.30
O3' AZW C 3 10.69 -0.50 -6.02
H5' AZW C 3 11.05 0.35 7.27
H5'' AZW C 3 12.46 1.30 6.77
H2A AZW C 3 11.64 -0.93 5.10
H6A AZW C 3 10.18 3.14 5.14
H3A AZW C 3 10.97 -1.15 2.72
H5A AZW C 3 9.53 2.92 2.75
H2B AZW C 3 11.57 -1.22 -3.87
H6B AZW C 3 8.33 1.59 -3.45
H3B AZW C 3 12.06 -1.01 -1.45
H5B AZW C 3 8.82 1.80 -1.02
H3' AZW C 3 8.75 -0.59 -5.46
H3'' AZW C 3 9.42 1.04 -5.72
P AZW D 3 4.40 5.45 -12.24
OP1 AZW D 3 3.86 6.55 -13.06
OP2 AZW D 3 5.56 4.66 -12.74
O5' AZW D 3 4.78 6.04 -10.81
C5' AZW D 3 3.82 6.80 -10.07
C1A AZW D 3 4.28 6.93 -8.63
C2A AZW D 3 3.42 7.55 -7.70
C6A AZW D 3 5.53 6.45 -8.22
C3A AZW D 3 3.82 7.70 -6.38
C5A AZW D 3 5.93 6.60 -6.87
C4A AZW D 3 5.07 7.22 -5.95
N5A AZW D 3 5.46 7.38 -4.61
C1B AZW D 3 6.18 8.90 0.17
C2B AZW D 3 6.00 10.01 -0.66
C6B AZW D 3 6.01 7.60 -0.35
C3B AZW D 3 5.65 9.84 -2.00
C5B AZW D 3 5.66 7.43 -1.70
C4B AZW D 3 5.47 8.55 -2.52
N5B AZW D 3 5.09 8.39 -3.87
C3' AZW D 3 6.53 9.07 1.64
O3' AZW D 3 6.54 10.44 2.01
H5' AZW D 3 2.86 6.30 -10.10
H5'' AZW D 3 3.73 7.79 -10.51
H2A AZW D 3 2.45 7.90 -8.03
H6A AZW D 3 6.20 5.98 -8.93
H3A AZW D 3 3.15 8.18 -5.67
H5A AZW D 3 6.90 6.23 -6.55
H2B AZW D 3 6.14 11.02 -0.26
H6B AZW D 3 6.15 6.74 0.29
H3B AZW D 3 5.51 10.71 -2.65
H5B AZW D 3 5.52 6.42 -2.10
H3' AZW D 3 5.80 8.57 2.27
H3'' AZW D 3 7.53 8.68 1.84
K K E . -3.43 -1.83 1.01
K K F . 0.05 -0.28 -0.20
K K G . 3.33 1.84 -1.02
P AZW A 3 -1.85 -13.62 3.86
OP1 AZW A 3 -1.30 -14.38 5.01
OP2 AZW A 3 -2.52 -14.36 2.76
O5' AZW A 3 -2.90 -12.56 4.44
C5' AZW A 3 -2.61 -11.81 5.62
C1A AZW A 3 -3.56 -10.64 5.71
C2A AZW A 3 -4.21 -10.36 6.92
C6A AZW A 3 -3.76 -9.80 4.61
C3A AZW A 3 -5.05 -9.25 7.03
C5A AZW A 3 -4.61 -8.69 4.71
C4A AZW A 3 -5.25 -8.41 5.91
N5A AZW A 3 -6.07 -7.28 6.03
C1B AZW A 3 -8.02 -2.63 6.53
C2B AZW A 3 -7.63 -3.35 7.68
C6B AZW A 3 -7.60 -3.08 5.26
C3B AZW A 3 -6.83 -4.49 7.56
C5B AZW A 3 -6.80 -4.23 5.15
C4B AZW A 3 -6.41 -4.93 6.30
N5B AZW A 3 -5.60 -6.07 6.18
C3' AZW A 3 -8.88 -1.39 6.64
O3' AZW A 3 -9.43 -1.27 7.95
H5' AZW A 3 -1.58 -11.45 5.57
H5'' AZW A 3 -2.73 -12.45 6.49
H2A AZW A 3 -4.06 -11.00 7.79
H6A AZW A 3 -3.28 -10.02 3.66
H3A AZW A 3 -5.56 -9.04 7.96
H5A AZW A 3 -4.76 -8.05 3.84
H2B AZW A 3 -7.96 -3.02 8.66
H6B AZW A 3 -7.89 -2.53 4.38
H3B AZW A 3 -6.53 -5.04 8.45
H5B AZW A 3 -6.48 -4.56 4.17
H3' AZW A 3 -8.29 -0.50 6.47
H3'' AZW A 3 -9.72 -1.44 5.94
P AZW B 3 -12.48 5.38 -0.86
OP1 AZW B 3 -13.17 6.03 -1.99
OP2 AZW B 3 -12.94 5.64 0.51
O5' AZW B 3 -12.50 3.81 -1.11
C5' AZW B 3 -12.33 3.27 -2.42
C1A AZW B 3 -11.90 1.83 -2.33
C2A AZW B 3 -12.54 0.86 -3.12
C6A AZW B 3 -10.84 1.46 -1.49
C3A AZW B 3 -12.12 -0.47 -3.07
C5A AZW B 3 -10.42 0.12 -1.45
C4A AZW B 3 -11.05 -0.84 -2.24
N5A AZW B 3 -10.59 -2.18 -2.23
C1B AZW B 3 -7.99 -6.47 -2.78
C2B AZW B 3 -8.76 -5.97 -3.84
C6B AZW B 3 -7.71 -5.66 -1.68
C3B AZW B 3 -9.24 -4.66 -3.80
C5B AZW B 3 -8.19 -4.33 -1.64
C4B AZW B 3 -8.95 -3.85 -2.71
N5B AZW B 3 -9.43 -2.52 -2.69
C3' AZW B 3 -7.46 -7.89 -2.82
O3' AZW B 3 -8.22 -8.70 -3.70
H5' AZW B 3 -11.57 3.84 -2.96
H5'' AZW B 3 -13.27 3.34 -2.96
H2A AZW B 3 -13.36 1.15 -3.77
H6A AZW B 3 -10.35 2.20 -0.87
H3A AZW B 3 -12.62 -1.22 -3.68
H5A AZW B 3 -9.60 -0.17 -0.78
H2B AZW B 3 -8.99 -6.60 -4.69
H6B AZW B 3 -7.11 -6.03 -0.84
H3B AZW B 3 -9.84 -4.28 -4.63
H5B AZW B 3 -7.97 -3.69 -0.79
H3' AZW B 3 -6.43 -7.91 -3.17
H3'' AZW B 3 -7.52 -8.36 -1.83
P AZW C 3 10.40 2.36 9.24
OP1 AZW C 3 10.65 1.21 10.13
OP2 AZW C 3 10.39 3.74 9.79
O5' AZW C 3 11.45 2.30 8.05
C5' AZW C 3 11.47 3.34 7.07
C1A AZW C 3 11.37 2.75 5.68
C2A AZW C 3 12.12 3.32 4.64
C6A AZW C 3 10.49 1.69 5.41
C3A AZW C 3 12.01 2.82 3.33
C5A AZW C 3 10.38 1.19 4.10
C4A AZW C 3 11.13 1.76 3.07
N5A AZW C 3 11.01 1.28 1.75
C1B AZW C 3 9.73 0.30 -3.04
C2B AZW C 3 9.92 -0.63 -2.00
C6B AZW C 3 9.64 1.67 -2.74
C3B AZW C 3 10.03 -0.18 -0.68
C5B AZW C 3 9.74 2.11 -1.42
C4B AZW C 3 9.94 1.19 -0.39
N5B AZW C 3 10.05 1.65 0.94
C3' AZW C 3 9.62 -0.17 -4.48
O3' AZW C 3 10.85 -0.75 -4.91
H5' AZW C 3 12.38 3.92 7.16
H5'' AZW C 3 10.62 4.00 7.24
H2A AZW C 3 12.80 4.15 4.84
H6A AZW C 3 9.91 1.24 6.21
H3A AZW C 3 12.59 3.26 2.53
H5A AZW C 3 9.69 0.36 3.88
H2B AZW C 3 10.00 -1.69 -2.24
H6B AZW C 3 9.47 2.39 -3.54
H3B AZW C 3 10.18 -0.90 0.12
H5B AZW C 3 9.68 3.17 -1.19
H3' AZW C 3 8.86 -0.94 -4.58
H3'' AZW C 3 9.41 0.67 -5.14
P AZW D 3 3.03 5.51 -12.68
OP1 AZW D 3 1.68 6.06 -12.96
OP2 AZW D 3 3.75 4.75 -13.72
O5' AZW D 3 3.96 6.71 -12.21
C5' AZW D 3 5.19 6.43 -11.54
C1A AZW D 3 5.07 6.73 -10.06
C2A AZW D 3 4.38 7.87 -9.62
C6A AZW D 3 5.64 5.85 -9.14
C3A AZW D 3 4.29 8.13 -8.23
C5A AZW D 3 5.55 6.11 -7.77
C4A AZW D 3 4.88 7.25 -7.31
N5A AZW D 3 4.82 7.52 -5.93
C1B AZW D 3 5.91 8.23 -1.03
C2B AZW D 3 5.46 9.22 -1.91
C6B AZW D 3 6.35 6.99 -1.53
C3B AZW D 3 5.43 8.97 -3.29
C5B AZW D 3 6.31 6.75 -2.91
C4B AZW D 3 5.86 7.74 -3.79
N5B AZW D 3 5.88 7.49 -5.18
C3' AZW D 3 5.96 8.48 0.46
O3' AZW D 3 6.64 9.69 0.76
H5' AZW D 3 5.99 7.03 -11.98
H5'' AZW D 3 5.43 5.38 -11.67
H2A AZW D 3 3.93 8.55 -10.33
H6A AZW D 3 6.18 4.96 -9.49
H3A AZW D 3 3.77 9.02 -7.89
H5A AZW D 3 6.00 5.42 -7.06
H2B AZW D 3 5.12 10.18 -1.52
H6B AZW D 3 6.70 6.21 -0.85
H3B AZW D 3 5.08 9.75 -3.97
H5B AZW D 3 6.65 5.79 -3.30
H3' AZW D 3 4.95 8.57 0.87
H3'' AZW D 3 6.50 7.68 0.98
K K E . -3.35 -2.06 0.95
K K F . -0.06 0.00 -0.01
K K G . 3.24 1.72 -0.86
P AZW A 3 -2.43 -13.14 4.29
OP1 AZW A 3 -2.03 -14.01 5.41
OP2 AZW A 3 -3.13 -13.73 3.12
O5' AZW A 3 -3.30 -11.94 4.87
C5' AZW A 3 -2.86 -11.21 6.00
C1A AZW A 3 -3.49 -9.84 6.02
C2A AZW A 3 -3.42 -9.06 7.18
C6A AZW A 3 -4.15 -9.33 4.89
C3A AZW A 3 -4.00 -7.79 7.22
C5A AZW A 3 -4.74 -8.05 4.92
C4A AZW A 3 -4.65 -7.29 6.09
N5A AZW A 3 -5.26 -6.01 6.14
C1B AZW A 3 -8.08 -1.94 7.12
C2B AZW A 3 -8.03 -2.77 8.26
C6B AZW A 3 -7.54 -2.38 5.91
C3B AZW A 3 -7.44 -4.03 8.17
C5B AZW A 3 -6.94 -3.65 5.83
C4B AZW A 3 -6.89 -4.47 6.96
N5B AZW A 3 -6.28 -5.75 6.89
C3' AZW A 3 -8.71 -0.56 7.20
O3' AZW A 3 -9.52 -0.44 8.36
H5' AZW A 3 -1.78 -11.11 5.97
H5'' AZW A 3 -3.13 -11.74 6.92
H2A AZW A 3 -2.90 -9.44 8.06
H6A AZW A 3 -4.20 -9.92 3.97
H3A AZW A 3 -3.94 -7.20 8.13
H5A AZW A 3 -5.25 -7.67 4.04
H2B AZW A 3 -8.45 -2.43 9.19
H6B AZW A 3 -7.57 -1.75 5.03
H3B AZW A 3 -7.39 -4.67 9.05
H5B AZW A 3 -6.52 -4.00 4.88
H3' AZW A 3 -7.95 0.21 7.24
H3'' AZW A 3 -9.37 -0.41 6.34
P AZW B 3 -12.72 6.00 -1.18
OP1 AZW B 3 -12.77 6.88 -2.36
OP2 AZW B 3 -13.31 6.47 0.11
O5' AZW B 3 -13.38 4.60 -1.54
C5' AZW B 3 -13.38 3.55 -0.57
C1A AZW B 3 -12.49 2.41 -1.02
C2A AZW B 3 -12.27 2.14 -2.38
C6A AZW B 3 -11.90 1.59 -0.04
C3A AZW B 3 -11.47 1.06 -2.76
C5A AZW B 3 -11.10 0.50 -0.43
C4A AZW B 3 -10.89 0.24 -1.78
N5A AZW B 3 -10.12 -0.89 -2.15
C1B AZW B 3 -8.23 -5.59 -2.64
C2B AZW B 3 -8.61 -4.70 -3.66
C6B AZW B 3 -8.56 -5.29 -1.31
C3B AZW B 3 -9.31 -3.52 -3.35
C5B AZW B 3 -9.26 -4.12 -1.00
C4B AZW B 3 -9.64 -3.25 -2.02
N5B AZW B 3 -10.38 -2.07 -1.69
C3' AZW B 3 -7.48 -6.85 -2.97
O3' AZW B 3 -8.34 -7.81 -3.59
H5' AZW B 3 -14.40 3.18 -0.44
H5'' AZW B 3 -13.01 3.95 0.37
H2A AZW B 3 -12.72 2.79 -3.14
H6A AZW B 3 -12.05 1.80 1.01
H3A AZW B 3 -11.30 0.85 -3.83
H5A AZW B 3 -10.65 -0.13 0.34
H2B AZW B 3 -8.36 -4.93 -4.70
H6B AZW B 3 -8.25 -5.97 -0.52
H3B AZW B 3 -9.60 -2.84 -4.15
H5B AZW B 3 -9.51 -3.89 0.03
H3' AZW B 3 -6.68 -6.66 -3.67
H3'' AZW B 3 -7.10 -7.32 -2.06
P AZW C 3 9.32 0.37 8.44
OP1 AZW C 3 8.33 -0.29 7.56
OP2 AZW C 3 9.33 0.08 9.88
O5' AZW C 3 10.77 0.01 7.86
C5' AZW C 3 11.49 0.87 6.98
C1A AZW C 3 11.06 0.62 5.55
C2A AZW C 3 11.24 -0.66 4.98
C6A AZW C 3 10.55 1.66 4.78
C3A AZW C 3 10.90 -0.87 3.63
C5A AZW C 3 10.21 1.45 3.44
C4A AZW C 3 10.38 0.17 2.86
N5A AZW C 3 10.07 -0.03 1.50
C1B AZW C 3 10.07 -0.40 -3.56
C2B AZW C 3 11.11 -1.14 -2.96
C6B AZW C 3 9.32 0.49 -2.78
C3B AZW C 3 11.38 -0.99 -1.60
C5B AZW C 3 9.59 0.64 -1.42
C4B AZW C 3 10.63 -0.09 -0.83
N5B AZW C 3 10.94 0.10 0.54
C3' AZW C 3 9.76 -0.56 -5.03
O3' AZW C 3 10.88 -1.07 -5.76
H5' AZW C 3 12.55 0.68 7.08
H5'' AZW C 3 11.29 1.91 7.24
H2A AZW C 3 11.64 -1.47 5.59
H6A AZW C 3 10.41 2.65 5.22
H3A AZW C 3 11.04 -1.85 3.19
H5A AZW C 3 9.81 2.26 2.83
H2B AZW C 3 11.70 -1.83 -3.57
H6B AZW C 3 8.51 1.06 -3.24
H3B AZW C 3 12.19 -1.56 -1.14
H5B AZW C 3 9.00 1.32 -0.82
H3' AZW C 3 8.94 -1.26 -5.19
H3'' AZW C 3 9.52 0.41 -5.48
P AZW D 3 3.11 5.70 -12.35
OP1 AZW D 3 2.18 6.63 -13.04
OP2 AZW D 3 4.18 5.02 -13.12
O5' AZW D 3 3.76 6.47 -11.12
C5' AZW D 3 3.13 7.62 -10.57
C1A AZW D 3 3.67 7.90 -9.18
C2A AZW D 3 3.82 9.22 -8.75
C6A AZW D 3 3.98 6.85 -8.32
C3A AZW D 3 4.27 9.49 -7.46
C5A AZW D 3 4.43 7.11 -7.03
C4A AZW D 3 4.57 8.43 -6.59
N5A AZW D 3 4.99 8.71 -5.27
C1B AZW D 3 5.87 8.94 -0.33
C2B AZW D 3 5.24 9.92 -1.13
C6B AZW D 3 6.10 7.66 -0.84
C3B AZW D 3 4.83 9.59 -2.42
C5B AZW D 3 5.70 7.34 -2.14
C4B AZW D 3 5.06 8.30 -2.93
N5B AZW D 3 4.64 8.00 -4.25
C3' AZW D 3 6.30 9.28 1.09
O3' AZW D 3 6.59 10.68 1.22
H5' AZW D 3 2.06 7.45 -10.52
H5'' AZW D 3 3.32 8.48 -11.21
H2A AZW D 3 3.58 10.04 -9.43
H6A AZW D 3 3.87 5.81 -8.66
H3A AZW D 3 4.38 10.51 -7.12
H5A AZW D 3 4.66 6.28 -6.35
H2B AZW D 3 5.06 10.91 -0.75
H6B AZW D 3 6.58 6.91 -0.22
H3B AZW D 3 4.34 10.34 -3.05
H5B AZW D 3 5.88 6.35 -2.54
H3' AZW D 3 5.50 9.06 1.80
H3'' AZW D 3 7.21 8.74 1.35
K K E . -3.29 -1.85 0.83
K K F . 0.00 -0.12 -0.12
K K G . 3.32 1.78 -1.08
P AZW A 3 -1.99 -13.39 4.41
OP1 AZW A 3 -1.18 -14.51 4.92
OP2 AZW A 3 -2.94 -13.64 3.29
O5' AZW A 3 -2.83 -12.78 5.62
C5' AZW A 3 -2.24 -11.85 6.53
C1A AZW A 3 -3.05 -10.58 6.55
C2A AZW A 3 -3.04 -9.76 7.68
C6A AZW A 3 -3.83 -10.22 5.43
C3A AZW A 3 -3.82 -8.60 7.71
C5A AZW A 3 -4.60 -9.05 5.47
C4A AZW A 3 -4.60 -8.24 6.61
N5A AZW A 3 -5.40 -7.08 6.66
C1B AZW A 3 -7.32 -2.43 6.58
C2B AZW A 3 -6.79 -2.99 7.75
C6B AZW A 3 -7.05 -3.02 5.34
C3B AZW A 3 -6.00 -4.15 7.68
C5B AZW A 3 -6.27 -4.19 5.27
C4B AZW A 3 -5.74 -4.74 6.44
N5B AZW A 3 -4.94 -5.90 6.38
C3' AZW A 3 -8.15 -1.16 6.65
O3' AZW A 3 -8.89 -1.11 7.86
H5' AZW A 3 -1.22 -11.63 6.23
H5'' AZW A 3 -2.23 -12.28 7.53
H2A AZW A 3 -2.44 -10.03 8.54
H6A AZW A 3 -3.83 -10.84 4.54
H3A AZW A 3 -3.82 -7.96 8.60
H5A AZW A 3 -5.22 -8.78 4.61
H2B AZW A 3 -6.99 -2.54 8.72
H6B AZW A 3 -7.46 -2.60 4.43
H3B AZW A 3 -5.60 -4.59 8.59
H5B AZW A 3 -6.06 -4.65 4.31
H3' AZW A 3 -7.51 -0.28 6.61
H3'' AZW A 3 -8.87 -1.15 5.83
P AZW B 3 -12.93 5.67 -1.17
OP1 AZW B 3 -13.68 6.45 -2.20
OP2 AZW B 3 -13.29 5.82 0.26
O5' AZW B 3 -13.02 4.14 -1.57
C5' AZW B 3 -12.58 3.69 -2.84
C1A AZW B 3 -11.94 2.33 -2.70
C2A AZW B 3 -10.97 1.92 -3.63
C6A AZW B 3 -12.31 1.46 -1.66
C3A AZW B 3 -10.38 0.65 -3.53
C5A AZW B 3 -11.73 0.20 -1.56
C4A AZW B 3 -10.77 -0.21 -2.48
N5A AZW B 3 -10.21 -1.51 -2.40
C1B AZW B 3 -8.28 -6.08 -3.27
C2B AZW B 3 -9.11 -5.72 -4.33
C6B AZW B 3 -8.00 -5.16 -2.26
C3B AZW B 3 -9.65 -4.43 -4.40
C5B AZW B 3 -8.54 -3.87 -2.31
C4B AZW B 3 -9.37 -3.51 -3.39
N5B AZW B 3 -9.92 -2.21 -3.44
C3' AZW B 3 -7.66 -7.47 -3.21
O3' AZW B 3 -8.38 -8.39 -4.02
H5' AZW B 3 -11.86 4.39 -3.26
H5'' AZW B 3 -13.43 3.61 -3.52
H2A AZW B 3 -10.66 2.58 -4.43
H6A AZW B 3 -13.06 1.79 -0.93
H3A AZW B 3 -9.63 0.33 -4.24
H5A AZW B 3 -12.03 -0.47 -0.75
H2B AZW B 3 -9.34 -6.44 -5.12
H6B AZW B 3 -7.36 -5.45 -1.42
H3B AZW B 3 -10.29 -4.15 -5.23
H5B AZW B 3 -8.31 -3.14 -1.53
H3' AZW B 3 -6.64 -7.44 -3.58
H3'' AZW B 3 -7.69 -7.86 -2.19
P AZW C 3 10.98 2.13 8.58
OP1 AZW C 3 11.57 1.48 9.77
OP2 AZW C 3 10.99 3.60 8.47
O5' AZW C 3 11.69 1.53 7.28
C5' AZW C 3 11.49 0.17 6.88
C1A AZW C 3 11.03 0.09 5.44
C2A AZW C 3 10.53 -1.11 4.93
C6A AZW C 3 11.10 1.23 4.61
C3A AZW C 3 10.14 -1.20 3.60
C5A AZW C 3 10.70 1.13 3.27
C4A AZW C 3 10.23 -0.08 2.76
N5A AZW C 3 9.86 -0.19 1.40
C1B AZW C 3 9.74 -0.85 -3.63
C2B AZW C 3 10.81 -1.58 -3.08
C6B AZW C 3 8.99 0.01 -2.81
C3B AZW C 3 11.13 -1.44 -1.72
C5B AZW C 3 9.31 0.14 -1.44
C4B AZW C 3 10.37 -0.59 -0.90
N5B AZW C 3 10.71 -0.46 0.46
C3' AZW C 3 9.37 -1.01 -5.09
O3' AZW C 3 10.51 -1.31 -5.88
H5' AZW C 3 10.73 -0.29 7.52
H5'' AZW C 3 12.41 -0.39 6.99
H2A AZW C 3 10.46 -1.99 5.58
H6A AZW C 3 11.48 2.18 4.99
H3A AZW C 3 9.75 -2.15 3.20
H5A AZW C 3 10.76 2.00 2.62
H2B AZW C 3 11.41 -2.23 -3.71
H6B AZW C 3 8.16 0.57 -3.22
H3B AZW C 3 11.95 -2.01 -1.31
H5B AZW C 3 8.74 0.82 -0.82
H3' AZW C 3 8.67 -1.84 -5.22
H3'' AZW C 3 8.95 -0.09 -5.47
P AZW D 3 3.45 5.55 -11.80
OP1 AZW D 3 2.76 6.60 -12.59
OP2 AZW D 3 4.68 4.92 -12.34
O5' AZW D 3 3.79 6.16 -10.37
C5' AZW D 3 2.77 6.73 -9.53
C1A AZW D 3 3.35 7.05 -8.18
C2A AZW D 3 2.85 8.14 -7.46
C6A AZW D 3 4.39 6.28 -7.64
C3A AZW D 3 3.39 8.47 -6.21
C5A AZW D 3 4.93 6.60 -6.39
C4A AZW D 3 4.43 7.69 -5.67
N5A AZW D 3 4.99 8.05 -4.43
C1B AZW D 3 5.91 9.27 0.39
C2B AZW D 3 5.32 10.23 -0.44
C6B AZW D 3 5.96 7.93 -0.03
C3B AZW D 3 4.78 9.86 -1.68
C5B AZW D 3 5.43 7.56 -1.26
C4B AZW D 3 4.83 8.52 -2.09
N5B AZW D 3 4.28 8.16 -3.34
C3' AZW D 3 6.47 9.65 1.75
O3' AZW D 3 6.54 11.07 1.91
H5' AZW D 3 1.95 6.01 -9.42
H5'' AZW D 3 2.39 7.64 -9.99
H2A AZW D 3 2.04 8.74 -7.87
H6A AZW D 3 4.78 5.42 -8.20
H3A AZW D 3 3.00 9.33 -5.66
H5A AZW D 3 5.73 5.99 -5.96
H2B AZW D 3 5.28 11.27 -0.13
H6B AZW D 3 6.42 7.18 0.61
H3B AZW D 3 4.31 10.61 -2.31
H5B AZW D 3 5.47 6.52 -1.60
H3' AZW D 3 5.84 9.27 2.55
H3'' AZW D 3 7.49 9.27 1.85
K K E . -3.52 -1.77 0.65
K K F . -0.09 -0.10 -0.04
K K G . 3.34 1.79 -0.86
P AZW A 3 -0.08 -12.48 4.54
OP1 AZW A 3 0.10 -11.02 4.65
OP2 AZW A 3 1.12 -13.36 4.50
O5' AZW A 3 -0.98 -12.96 5.76
C5' AZW A 3 -2.40 -12.96 5.67
C1A AZW A 3 -2.90 -11.53 5.64
C2A AZW A 3 -2.52 -10.63 6.63
C6A AZW A 3 -3.78 -11.12 4.62
C3A AZW A 3 -3.00 -9.30 6.61
C5A AZW A 3 -4.26 -9.80 4.60
C4A AZW A 3 -3.87 -8.89 5.59
N5A AZW A 3 -4.39 -7.58 5.58
C1B AZW A 3 -7.22 -3.41 6.09
C2B AZW A 3 -6.96 -4.06 7.31
C6B AZW A 3 -6.89 -4.04 4.88
C3B AZW A 3 -6.40 -5.34 7.31
C5B AZW A 3 -6.32 -5.31 4.89
C4B AZW A 3 -6.08 -5.96 6.10
N5B AZW A 3 -5.54 -7.27 6.10
C3' AZW A 3 -7.88 -2.04 6.08
O3' AZW A 3 -8.85 -1.95 7.11
H5' AZW A 3 -2.83 -13.47 6.53
H5'' AZW A 3 -2.72 -13.47 4.77
H2A AZW A 3 -1.84 -10.93 7.42
H6A AZW A 3 -4.08 -11.82 3.85
H3A AZW A 3 -2.70 -8.60 7.39
H5A AZW A 3 -4.93 -9.49 3.80
H2B AZW A 3 -7.21 -3.57 8.25
H6B AZW A 3 -7.07 -3.53 3.93
H3B AZW A 3 -6.19 -5.84 8.26
H5B AZW A 3 -6.07 -5.80 3.94
H3' AZW A 3 -7.14 -1.25 6.26
H3'' AZW A 3 -8.39 -1.87 5.14
P AZW B 3 -12.38 6.19 -1.13
OP1 AZW B 3 -12.38 7.53 -1.78
OP2 AZW B 3 -13.04 6.01 0.19
O5' AZW B 3 -13.03 5.14 -2.15
C5' AZW B 3 -12.33 4.75 -3.33
C1A AZW B 3 -11.92 3.30 -3.24
C2A AZW B 3 -11.72 2.56 -4.42
C6A AZW B 3 -11.71 2.68 -2.00
C3A AZW B 3 -11.34 1.22 -4.36
C5A AZW B 3 -11.32 1.34 -1.93
C4A AZW B 3 -11.14 0.60 -3.11
N5A AZW B 3 -10.75 -0.75 -3.06
C1B AZW B 3 -8.48 -5.21 -2.45
C2B AZW B 3 -8.97 -4.65 -3.64
C6B AZW B 3 -8.36 -4.42 -1.30
C3B AZW B 3 -9.34 -3.30 -3.67
C5B AZW B 3 -8.75 -3.07 -1.34
C4B AZW B 3 -9.23 -2.51 -2.53
N5B AZW B 3 -9.61 -1.16 -2.57
C3' AZW B 3 -8.05 -6.66 -2.42
O3' AZW B 3 -8.96 -7.48 -3.16
H5' AZW B 3 -11.44 5.38 -3.45
H5'' AZW B 3 -12.98 4.90 -4.19
H2A AZW B 3 -11.87 3.04 -5.39
H6A AZW B 3 -11.85 3.24 -1.08
H3A AZW B 3 -11.19 0.65 -5.27
H5A AZW B 3 -11.17 0.85 -0.96
H2B AZW B 3 -9.05 -5.26 -4.53
H6B AZW B 3 -7.99 -4.86 -0.37
H3B AZW B 3 -9.72 -2.87 -4.60
H5B AZW B 3 -8.67 -2.46 -0.44
H3' AZW B 3 -7.06 -6.80 -2.87
H3'' AZW B 3 -8.05 -7.04 -1.39
P AZW C 3 10.57 3.93 8.81
OP1 AZW C 3 11.20 3.60 10.10
OP2 AZW C 3 10.30 5.36 8.46
O5' AZW C 3 11.45 3.31 7.63
C5' AZW C 3 11.43 1.90 7.35
C1A AZW C 3 11.28 1.69 5.86
C2A AZW C 3 11.58 0.45 5.30
C6A AZW C 3 10.84 2.74 5.03
C3A AZW C 3 11.45 0.24 3.92
C5A AZW C 3 10.71 2.54 3.66
C4A AZW C 3 11.02 1.29 3.10
N5A AZW C 3 10.91 1.10 1.70
C1B AZW C 3 9.91 -0.27 -3.03
C2B AZW C 3 10.69 -1.16 -2.26
C6B AZW C 3 9.21 0.77 -2.41
C3B AZW C 3 10.76 -0.99 -0.87
C5B AZW C 3 9.28 0.93 -1.01
C4B AZW C 3 10.06 0.05 -0.26
N5B AZW C 3 10.14 0.21 1.15
C3' AZW C 3 9.82 -0.43 -4.54
O3' AZW C 3 11.06 -0.87 -5.08
H5' AZW C 3 10.60 1.43 7.87
H5'' AZW C 3 12.36 1.45 7.68
H2A AZW C 3 11.93 -0.37 5.94
H6A AZW C 3 10.59 3.71 5.46
H3A AZW C 3 11.69 -0.73 3.50
H5A AZW C 3 10.38 3.35 3.02
H2B AZW C 3 11.23 -1.97 -2.74
H6B AZW C 3 8.62 1.46 -3.00
H3B AZW C 3 11.37 -1.67 -0.28
H5B AZW C 3 8.73 1.73 -0.53
H3' AZW C 3 9.06 -1.17 -4.80
H3'' AZW C 3 9.60 0.53 -5.01
P AZW D 3 4.07 5.09 -12.04
OP1 AZW D 3 3.60 6.14 -12.96
OP2 AZW D 3 5.19 4.21 -12.46
O5' AZW D 3 4.46 5.77 -10.66
C5' AZW D 3 3.51 6.62 -9.99
C1A AZW D 3 3.97 6.87 -8.57
C2A AZW D 3 3.53 8.01 -7.89
C6A AZW D 3 4.82 5.95 -7.91
C3A AZW D 3 3.92 8.24 -6.56
C5A AZW D 3 5.21 6.18 -6.59
C4A AZW D 3 4.77 7.32 -5.92
N5A AZW D 3 5.16 7.55 -4.57
C1B AZW D 3 6.39 9.48 -0.05
C2B AZW D 3 6.26 10.54 -0.95
C6B AZW D 3 6.14 8.16 -0.47
C3B AZW D 3 5.88 10.29 -2.28
C5B AZW D 3 5.77 7.91 -1.80
C4B AZW D 3 5.64 8.98 -2.70
N5B AZW D 3 5.25 8.74 -4.04
C3' AZW D 3 6.78 9.75 1.39
O3' AZW D 3 6.80 11.14 1.68
H5' AZW D 3 2.54 6.15 -9.98
H5'' AZW D 3 3.45 7.57 -10.51
H2A AZW D 3 2.86 8.72 -8.38
H6A AZW D 3 5.15 5.06 -8.43
H3A AZW D 3 3.58 9.13 -6.03
H5A AZW D 3 5.86 5.46 -6.09
H2B AZW D 3 6.45 11.57 -0.63
H6B AZW D 3 6.24 7.34 0.23
H3B AZW D 3 5.79 11.12 -2.98
H5B AZW D 3 5.58 6.90 -2.12
H3' AZW D 3 6.06 9.29 2.08
H3'' AZW D 3 7.78 9.36 1.59
K K E . -3.18 -1.98 0.71
K K F . 0.09 -0.07 -0.17
K K G . 3.40 1.83 -0.94
P AZW A 3 -1.04 -12.40 4.75
OP1 AZW A 3 0.13 -11.50 4.87
OP2 AZW A 3 -1.16 -13.54 5.70
O5' AZW A 3 -2.36 -11.52 4.92
C5' AZW A 3 -2.74 -11.09 6.22
C1A AZW A 3 -3.33 -9.70 6.15
C2A AZW A 3 -2.80 -8.67 6.94
C6A AZW A 3 -4.43 -9.45 5.32
C3A AZW A 3 -3.37 -7.40 6.91
C5A AZW A 3 -5.01 -8.17 5.29
C4A AZW A 3 -4.48 -7.15 6.09
N5A AZW A 3 -5.09 -5.88 6.10
C1B AZW A 3 -8.03 -1.85 6.95
C2B AZW A 3 -8.12 -2.74 8.05
C6B AZW A 3 -7.31 -2.25 5.82
C3B AZW A 3 -7.49 -3.99 8.01
C5B AZW A 3 -6.68 -3.49 5.77
C4B AZW A 3 -6.76 -4.36 6.87
N5B AZW A 3 -6.14 -5.63 6.82
C3' AZW A 3 -8.69 -0.51 6.99
O3' AZW A 3 -9.42 -0.32 8.20
H5' AZW A 3 -1.86 -11.07 6.87
H5'' AZW A 3 -3.47 -11.77 6.64
H2A AZW A 3 -1.93 -8.86 7.57
H6A AZW A 3 -4.84 -10.24 4.70
H3A AZW A 3 -2.96 -6.60 7.53
H5A AZW A 3 -5.87 -7.98 4.65
H2B AZW A 3 -8.68 -2.45 8.94
H6B AZW A 3 -7.24 -1.57 4.96
H3B AZW A 3 -7.57 -4.66 8.86
H5B AZW A 3 -6.11 -3.79 4.88
H3' AZW A 3 -7.95 0.29 6.94
H3'' AZW A 3 -9.42 -0.41 6.18
P AZW B 3 -13.02 5.70 -0.64
OP1 AZW B 3 -13.64 6.68 -1.57
OP2 AZW B 3 -13.27 5.80 0.82
O5' AZW B 3 -13.47 4.24 -1.10
C5' AZW B 3 -13.27 3.81 -2.44
C1A AZW B 3 -12.59 2.45 -2.46
C2A AZW B 3 -12.09 1.94 -3.66
C6A AZW B 3 -12.48 1.70 -1.27
C3A AZW B 3 -11.48 0.68 -3.68
C5A AZW B 3 -11.85 0.44 -1.30
C4A AZW B 3 -11.36 -0.07 -2.51
N5A AZW B 3 -10.78 -1.35 -2.55
C1B AZW B 3 -7.96 -5.50 -2.50
C2B AZW B 3 -8.32 -4.83 -3.68
C6B AZW B 3 -8.11 -4.87 -1.26
C3B AZW B 3 -8.83 -3.52 -3.61
C5B AZW B 3 -8.62 -3.57 -1.20
C4B AZW B 3 -8.99 -2.90 -2.37
N5B AZW B 3 -9.52 -1.59 -2.31
C3' AZW B 3 -7.43 -6.92 -2.57
O3' AZW B 3 -8.25 -7.72 -3.41
H5' AZW B 3 -12.65 4.53 -2.97
H5'' AZW B 3 -14.23 3.73 -2.95
H2A AZW B 3 -12.18 2.52 -4.58
H6A AZW B 3 -12.85 2.08 -0.33
H3A AZW B 3 -11.09 0.28 -4.63
H5A AZW B 3 -11.75 -0.14 -0.38
H2B AZW B 3 -8.21 -5.31 -4.64
H6B AZW B 3 -7.83 -5.39 -0.34
H3B AZW B 3 -9.10 -3.01 -4.52
H5B AZW B 3 -8.74 -3.07 -0.23
H3' AZW B 3 -6.42 -6.93 -2.99
H3'' AZW B 3 -7.44 -7.39 -1.59
P AZW C 3 10.16 1.05 8.54
OP1 AZW C 3 10.79 0.05 9.42
OP2 AZW C 3 10.43 2.49 8.76
O5' AZW C 3 10.53 0.71 7.03
C5' AZW C 3 10.54 -0.65 6.58
C1A AZW C 3 10.43 -0.70 5.07
C2A AZW C 3 10.85 -1.85 4.38
C6A AZW C 3 9.87 0.37 4.36
C3A AZW C 3 10.72 -1.92 2.99
C5A AZW C 3 9.74 0.29 2.96
C4A AZW C 3 10.16 -0.86 2.28
N5A AZW C 3 10.01 -0.95 0.88
C1B AZW C 3 10.12 -0.50 -4.13
C2B AZW C 3 10.95 -1.38 -3.44
C6B AZW C 3 9.44 0.52 -3.44
C3B AZW C 3 11.10 -1.26 -2.05
C5B AZW C 3 9.60 0.63 -2.05
C4B AZW C 3 10.43 -0.26 -1.35
N5B AZW C 3 10.59 -0.14 0.05
C3' AZW C 3 9.95 -0.62 -5.63
O3' AZW C 3 10.98 -1.42 -6.20
H5' AZW C 3 9.71 -1.18 7.03
H5'' AZW C 3 11.48 -1.12 6.89
H2A AZW C 3 11.29 -2.69 4.93
H6A AZW C 3 9.53 1.27 4.88
H3A AZW C 3 11.05 -2.81 2.46
H5A AZW C 3 9.30 1.14 2.41
H2B AZW C 3 11.47 -2.17 -3.97
H6B AZW C 3 8.80 1.21 -3.96
H3B AZW C 3 11.76 -1.95 -1.52
H5B AZW C 3 9.07 1.42 -1.51
H3' AZW C 3 9.00 -1.09 -5.87
H3'' AZW C 3 10.02 0.36 -6.11
P AZW D 3 4.02 5.56 -12.43
OP1 AZW D 3 3.42 6.60 -13.30
OP2 AZW D 3 5.15 4.76 -12.93
O5' AZW D 3 4.46 6.27 -11.08
C5' AZW D 3 3.59 7.18 -10.41
C1A AZW D 3 4.11 7.48 -9.03
C2A AZW D 3 3.92 8.75 -8.48
C6A AZW D 3 4.75 6.47 -8.29
C3A AZW D 3 4.38 9.02 -7.18
C5A AZW D 3 5.21 6.75 -6.99
C4A AZW D 3 5.02 8.02 -6.44
N5A AZW D 3 5.44 8.29 -5.12
C1B AZW D 3 5.84 9.08 -0.15
C2B AZW D 3 5.11 10.00 -0.90
C6B AZW D 3 6.19 7.83 -0.73
C3B AZW D 3 4.72 9.70 -2.20
C5B AZW D 3 5.80 7.54 -2.04
C4B AZW D 3 5.06 8.47 -2.77
N5B AZW D 3 4.66 8.17 -4.09
C3' AZW D 3 6.25 9.38 1.28
O3' AZW D 3 6.43 10.79 1.46
H5' AZW D 3 2.59 6.75 -10.34
H5'' AZW D 3 3.53 8.11 -10.98
H2A AZW D 3 3.43 9.53 -9.05
H6A AZW D 3 4.91 5.49 -8.72
H3A AZW D 3 4.23 10.00 -6.75
H5A AZW D 3 5.70 5.96 -6.41
H2B AZW D 3 4.84 10.96 -0.47
H6B AZW D 3 6.76 7.11 -0.15
H3B AZW D 3 4.15 10.43 -2.78
H5B AZW D 3 6.07 6.58 -2.48
H3' AZW D 3 5.49 9.07 1.98
H3'' AZW D 3 7.21 8.91 1.51
K K E . -3.15 -1.82 0.78
K K F . 0.07 -0.01 -0.20
K K G . 3.40 2.04 -1.09
P AZW A 3 -2.06 -13.74 3.70
OP1 AZW A 3 -1.49 -14.70 4.68
OP2 AZW A 3 -2.67 -14.24 2.45
O5' AZW A 3 -3.15 -12.85 4.45
C5' AZW A 3 -2.82 -12.13 5.64
C1A AZW A 3 -3.43 -10.74 5.60
C2A AZW A 3 -3.26 -9.88 6.70
C6A AZW A 3 -4.17 -10.30 4.48
C3A AZW A 3 -3.83 -8.60 6.68
C5A AZW A 3 -4.73 -9.02 4.46
C4A AZW A 3 -4.56 -8.17 5.56
N5A AZW A 3 -5.13 -6.87 5.55
C1B AZW A 3 -7.72 -2.63 6.49
C2B AZW A 3 -7.45 -3.29 7.70
C6B AZW A 3 -7.39 -3.24 5.27
C3B AZW A 3 -6.86 -4.56 7.68
C5B AZW A 3 -6.81 -4.52 5.25
C4B AZW A 3 -6.55 -5.18 6.47
N5B AZW A 3 -5.97 -6.47 6.46
C3' AZW A 3 -8.35 -1.25 6.49
O3' AZW A 3 -9.25 -1.10 7.58
H5' AZW A 3 -1.74 -12.04 5.73
H5'' AZW A 3 -3.21 -12.66 6.50
H2A AZW A 3 -2.70 -10.21 7.56
H6A AZW A 3 -4.30 -10.97 3.62
H3A AZW A 3 -3.69 -7.93 7.53
H5A AZW A 3 -5.30 -8.68 3.59
H2B AZW A 3 -7.70 -2.82 8.64
H6B AZW A 3 -7.59 -2.74 4.32
H3B AZW A 3 -6.66 -5.08 8.62
H5B AZW A 3 -6.57 -5.00 4.31
H3' AZW A 3 -7.59 -0.48 6.60
H3'' AZW A 3 -8.92 -1.09 5.58
P AZW B 3 -12.74 5.97 -1.18
OP1 AZW B 3 -12.92 7.35 -1.67
OP2 AZW B 3 -13.37 5.56 0.10
O5' AZW B 3 -13.25 4.96 -2.31
C5' AZW B 3 -12.41 4.61 -3.41
C1A AZW B 3 -11.77 3.25 -3.17
C2A AZW B 3 -10.77 2.80 -4.05
C6A AZW B 3 -12.20 2.43 -2.12
C3A AZW B 3 -10.19 1.54 -3.86
C5A AZW B 3 -11.61 1.17 -1.93
C4A AZW B 3 -10.61 0.73 -2.80
N5A AZW B 3 -10.03 -0.54 -2.61
C1B AZW B 3 -8.50 -5.37 -2.89
C2B AZW B 3 -9.30 -5.10 -4.02
C6B AZW B 3 -8.28 -4.37 -1.95
C3B AZW B 3 -9.87 -3.83 -4.19
C5B AZW B 3 -8.85 -3.09 -2.12
C4B AZW B 3 -9.64 -2.83 -3.25
N5B AZW B 3 -10.21 -1.55 -3.42
C3' AZW B 3 -7.88 -6.73 -2.69
O3' AZW B 3 -8.64 -7.76 -3.34
H5' AZW B 3 -11.64 5.36 -3.54
H5'' AZW B 3 -13.01 4.56 -4.32
H2A AZW B 3 -10.44 3.43 -4.87
H6A AZW B 3 -12.98 2.77 -1.43
H3A AZW B 3 -9.41 1.20 -4.53
H5A AZW B 3 -11.93 0.54 -1.10
H2B AZW B 3 -9.49 -5.88 -4.76
H6B AZW B 3 -7.66 -4.57 -1.06
H3B AZW B 3 -10.48 -3.63 -5.06
H5B AZW B 3 -8.66 -2.32 -1.37
H3' AZW B 3 -6.88 -6.78 -3.12
H3'' AZW B 3 -7.86 -6.99 -1.63
P AZW C 3 10.33 2.65 9.45
OP1 AZW C 3 11.12 1.77 10.33
OP2 AZW C 3 10.10 4.06 9.85
O5' AZW C 3 10.98 2.64 8.00
C5' AZW C 3 11.42 1.42 7.42
C1A AZW C 3 11.03 1.39 5.95
C2A AZW C 3 10.58 0.19 5.38
C6A AZW C 3 11.15 2.54 5.16
C3A AZW C 3 10.24 0.15 4.02
C5A AZW C 3 10.82 2.50 3.80
C4A AZW C 3 10.36 1.31 3.23
N5A AZW C 3 10.04 1.26 1.86
C1B AZW C 3 9.85 0.23 -3.11
C2B AZW C 3 10.77 -0.64 -2.52
C6B AZW C 3 9.16 1.16 -2.32
C3B AZW C 3 11.02 -0.56 -1.14
C5B AZW C 3 9.41 1.24 -0.94
C4B AZW C 3 10.35 0.37 -0.35
N5B AZW C 3 10.63 0.44 1.03
C3' AZW C 3 9.56 0.17 -4.60
O3' AZW C 3 10.71 -0.30 -5.31
H5' AZW C 3 10.96 0.58 7.93
H5'' AZW C 3 12.50 1.34 7.50
H2A AZW C 3 10.48 -0.71 5.99
H6A AZW C 3 11.50 3.48 5.61
H3A AZW C 3 9.87 -0.77 3.58
H5A AZW C 3 10.90 3.40 3.19
H2B AZW C 3 11.30 -1.37 -3.13
H6B AZW C 3 8.44 1.84 -2.77
H3B AZW C 3 11.75 -1.24 -0.69
H5B AZW C 3 8.88 1.97 -0.33
H3' AZW C 3 8.76 -0.54 -4.81
H3'' AZW C 3 9.32 1.15 -4.99
P AZW D 3 2.20 5.08 -11.46
OP1 AZW D 3 0.85 4.81 -10.91
OP2 AZW D 3 2.35 6.16 -12.46
O5' AZW D 3 3.15 5.41 -10.23
C5' AZW D 3 4.44 5.98 -10.42
C1A AZW D 3 4.98 6.41 -9.07
C2A AZW D 3 5.10 7.78 -8.77
C6A AZW D 3 5.31 5.45 -8.11
C3A AZW D 3 5.54 8.17 -7.50
C5A AZW D 3 5.75 5.85 -6.84
C4A AZW D 3 5.87 7.21 -6.54
N5A AZW D 3 6.28 7.61 -5.25
C1B AZW D 3 6.58 8.71 -0.31
C2B AZW D 3 6.28 9.68 -1.28
C6B AZW D 3 6.54 7.35 -0.65
C3B AZW D 3 5.92 9.29 -2.59
C5B AZW D 3 6.19 6.96 -1.95
C4B AZW D 3 5.87 7.93 -2.92
N5B AZW D 3 5.49 7.54 -4.21
C3' AZW D 3 6.96 9.12 1.09
O3' AZW D 3 7.29 10.51 1.16
H5' AZW D 3 4.38 6.84 -11.08
H5'' AZW D 3 5.10 5.23 -10.85
H2A AZW D 3 4.85 8.52 -9.52
H6A AZW D 3 5.22 4.39 -8.33
H3A AZW D 3 5.64 9.23 -7.27
H5A AZW D 3 6.01 5.11 -6.09
H2B AZW D 3 6.32 10.74 -1.04
H6B AZW D 3 6.78 6.60 0.10
H3B AZW D 3 5.68 10.04 -3.34
H5B AZW D 3 6.15 5.90 -2.21
H3' AZW D 3 6.12 8.97 1.77
H3'' AZW D 3 7.83 8.58 1.44
K K E . -3.24 -1.98 0.75
K K F . 0.15 -0.19 -0.04
K K G . 3.41 1.91 -0.78
P AZW A 3 -0.18 -12.98 4.42
OP1 AZW A 3 1.24 -12.64 4.64
OP2 AZW A 3 -0.55 -14.34 3.95
O5' AZW A 3 -0.98 -12.69 5.77
C5' AZW A 3 -2.40 -12.53 5.73
C1A AZW A 3 -2.77 -11.07 5.92
C2A AZW A 3 -2.67 -10.46 7.17
C6A AZW A 3 -3.29 -10.34 4.83
C3A AZW A 3 -3.09 -9.14 7.34
C5A AZW A 3 -3.72 -9.03 5.00
C4A AZW A 3 -3.62 -8.42 6.27
N5A AZW A 3 -4.14 -7.12 6.46
C1B AZW A 3 -7.18 -3.03 6.50
C2B AZW A 3 -6.72 -3.72 7.63
C6B AZW A 3 -7.01 -3.57 5.23
C3B AZW A 3 -6.08 -4.96 7.47
C5B AZW A 3 -6.37 -4.81 5.07
C4B AZW A 3 -5.90 -5.50 6.20
N5B AZW A 3 -5.33 -6.78 6.03
C3' AZW A 3 -7.91 -1.70 6.66
O3' AZW A 3 -8.78 -1.72 7.78
H5' AZW A 3 -2.86 -13.13 6.51
H5'' AZW A 3 -2.78 -12.86 4.75
H2A AZW A 3 -2.25 -11.01 8.01
H6A AZW A 3 -3.37 -10.82 3.84
H3A AZW A 3 -3.01 -8.67 8.33
H5A AZW A 3 -4.11 -8.46 4.15
H2B AZW A 3 -6.85 -3.29 8.62
H6B AZW A 3 -7.36 -3.02 4.35
H3B AZW A 3 -5.72 -5.49 8.36
H5B AZW A 3 -6.23 -5.23 4.08
H3' AZW A 3 -7.19 -0.89 6.83
H3'' AZW A 3 -8.52 -1.50 5.78
P AZW B 3 -12.97 5.54 -0.37
OP1 AZW B 3 -13.74 6.48 -1.23
OP2 AZW B 3 -13.24 5.51 1.09
O5' AZW B 3 -13.14 4.07 -0.94
C5' AZW B 3 -12.86 3.77 -2.31
C1A AZW B 3 -12.37 2.34 -2.42
C2A AZW B 3 -12.77 1.55 -3.50
C6A AZW B 3 -11.50 1.81 -1.46
C3A AZW B 3 -12.33 0.22 -3.61
C5A AZW B 3 -11.04 0.49 -1.57
C4A AZW B 3 -11.46 -0.30 -2.65
N5A AZW B 3 -11.02 -1.64 -2.75
C1B AZW B 3 -8.51 -5.99 -3.30
C2B AZW B 3 -9.09 -5.36 -4.41
C6B AZW B 3 -8.37 -5.29 -2.10
C3B AZW B 3 -9.52 -4.03 -4.32
C5B AZW B 3 -8.78 -3.96 -2.01
C4B AZW B 3 -9.36 -3.32 -3.12
N5B AZW B 3 -9.79 -1.98 -3.02
C3' AZW B 3 -8.04 -7.43 -3.39
O3' AZW B 3 -8.78 -8.17 -4.36
H5' AZW B 3 -12.10 4.45 -2.68
H5'' AZW B 3 -13.76 3.89 -2.91
H2A AZW B 3 -13.45 1.96 -4.26
H6A AZW B 3 -11.18 2.43 -0.61
H3A AZW B 3 -12.65 -0.39 -4.45
H5A AZW B 3 -10.37 0.08 -0.83
H2B AZW B 3 -9.22 -5.90 -5.36
H6B AZW B 3 -7.91 -5.77 -1.24
H3B AZW B 3 -9.96 -3.53 -5.19
H5B AZW B 3 -8.66 -3.41 -1.07
H3' AZW B 3 -6.99 -7.48 -3.70
H3'' AZW B 3 -8.17 -7.93 -2.44
P AZW C 3 10.69 3.16 8.83
OP1 AZW C 3 11.26 2.53 10.04
OP2 AZW C 3 10.58 4.64 8.76
O5' AZW C 3 11.54 2.68 7.56
C5' AZW C 3 11.73 1.29 7.30
C1A AZW C 3 11.28 0.98 5.88
C2A AZW C 3 10.92 -0.33 5.54
C6A AZW C 3 11.25 1.99 4.90
C3A AZW C 3 10.53 -0.63 4.24
C5A AZW C 3 10.86 1.68 3.60
C4A AZW C 3 10.49 0.37 3.26
N5A AZW C 3 10.13 0.06 1.93
C1B AZW C 3 9.98 -0.63 -3.09
C2B AZW C 3 10.60 -1.60 -2.28
C6B AZW C 3 9.67 0.62 -2.55
C3B AZW C 3 10.90 -1.32 -0.95
C5B AZW C 3 9.98 0.91 -1.22
C4B AZW C 3 10.59 -0.06 -0.41
N5B AZW C 3 10.93 0.23 0.93
C3' AZW C 3 9.70 -0.93 -4.54
O3' AZW C 3 10.82 -1.54 -5.18
H5' AZW C 3 11.15 0.69 8.00
H5'' AZW C 3 12.78 1.04 7.40
H2A AZW C 3 10.95 -1.11 6.30
H6A AZW C 3 11.55 3.01 5.16
H3A AZW C 3 10.24 -1.66 3.98
H5A AZW C 3 10.83 2.46 2.85
H2B AZW C 3 10.84 -2.58 -2.69
H6B AZW C 3 9.18 1.38 -3.17
H3B AZW C 3 11.37 -2.07 -0.33
H5B AZW C 3 9.73 1.89 -0.80
H3' AZW C 3 8.85 -1.61 -4.64
H3'' AZW C 3 9.49 -0.01 -5.09
P AZW D 3 4.28 4.78 -12.88
OP1 AZW D 3 3.49 5.28 -14.03
OP2 AZW D 3 5.48 3.94 -13.12
O5' AZW D 3 4.74 6.04 -12.01
C5' AZW D 3 3.76 6.94 -11.48
C1A AZW D 3 4.17 7.34 -10.08
C2A AZW D 3 4.23 8.69 -9.71
C6A AZW D 3 4.47 6.35 -9.13
C3A AZW D 3 4.60 9.05 -8.41
C5A AZW D 3 4.84 6.71 -7.83
C4A AZW D 3 4.91 8.06 -7.46
N5A AZW D 3 5.28 8.42 -6.15
C1B AZW D 3 5.99 8.87 -1.18
C2B AZW D 3 5.03 9.64 -1.86
C6B AZW D 3 6.58 7.76 -1.80
C3B AZW D 3 4.65 9.27 -3.16
C5B AZW D 3 6.20 7.41 -3.10
C4B AZW D 3 5.24 8.16 -3.78
N5B AZW D 3 4.86 7.80 -5.10
C3' AZW D 3 6.40 9.26 0.22
O3' AZW D 3 6.57 10.67 0.33
H5' AZW D 3 2.78 6.47 -11.45
H5'' AZW D 3 3.71 7.83 -12.10
H2A AZW D 3 3.99 9.47 -10.44
H6A AZW D 3 4.44 5.30 -9.41
H3A AZW D 3 4.67 10.11 -8.12
H5A AZW D 3 5.07 5.94 -7.09
H2B AZW D 3 4.57 10.50 -1.40
H6B AZW D 3 7.32 7.18 -1.26
H3B AZW D 3 3.90 9.86 -3.69
H5B AZW D 3 6.67 6.55 -3.58
H3' AZW D 3 5.64 8.97 0.94
H3'' AZW D 3 7.36 8.80 0.49
K K E . -3.52 -1.83 0.61
K K F . -0.04 0.15 -0.01
K K G . 3.50 1.85 -1.00
P AZW A 3 -0.27 -12.79 4.93
OP1 AZW A 3 1.12 -12.45 5.36
OP2 AZW A 3 -0.56 -14.14 4.40
O5' AZW A 3 -1.26 -12.51 6.14
C5' AZW A 3 -2.66 -12.39 5.88
C1A AZW A 3 -3.13 -10.96 6.09
C2A AZW A 3 -3.41 -10.48 7.37
C6A AZW A 3 -3.32 -10.14 4.98
C3A AZW A 3 -3.91 -9.17 7.54
C5A AZW A 3 -3.81 -8.84 5.14
C4A AZW A 3 -4.11 -8.35 6.42
N5A AZW A 3 -4.66 -7.05 6.55
C1B AZW A 3 -7.52 -2.86 6.05
C2B AZW A 3 -7.20 -3.55 7.23
C6B AZW A 3 -7.18 -3.40 4.81
C3B AZW A 3 -6.56 -4.80 7.15
C5B AZW A 3 -6.54 -4.65 4.73
C4B AZW A 3 -6.23 -5.36 5.91
N5B AZW A 3 -5.65 -6.64 5.81
C3' AZW A 3 -8.25 -1.53 6.12
O3' AZW A 3 -9.19 -1.52 7.19
H5' AZW A 3 -3.21 -13.06 6.55
H5'' AZW A 3 -2.85 -12.68 4.86
H2A AZW A 3 -3.25 -11.11 8.24
H6A AZW A 3 -3.10 -10.51 3.98
H3A AZW A 3 -4.15 -8.79 8.53
H5A AZW A 3 -3.95 -8.20 4.27
H2B AZW A 3 -7.45 -3.14 8.21
H6B AZW A 3 -7.41 -2.86 3.89
H3B AZW A 3 -6.32 -5.35 8.07
H5B AZW A 3 -6.27 -5.07 3.76
H3' AZW A 3 -7.55 -0.70 6.28
H3'' AZW A 3 -8.82 -1.37 5.20
P AZW B 3 -12.45 6.67 -1.27
OP1 AZW B 3 -12.88 7.48 -2.43
OP2 AZW B 3 -12.81 7.09 0.10
O5' AZW B 3 -12.98 5.18 -1.49
C5' AZW B 3 -12.78 4.51 -2.74
C1A AZW B 3 -12.09 3.19 -2.50
C2A AZW B 3 -11.09 2.75 -3.39
C6A AZW B 3 -12.47 2.39 -1.42
C3A AZW B 3 -10.50 1.50 -3.19
C5A AZW B 3 -11.87 1.14 -1.22
C4A AZW B 3 -10.88 0.70 -2.11
N5A AZW B 3 -10.31 -0.58 -1.94
C1B AZW B 3 -8.35 -5.20 -2.48
C2B AZW B 3 -9.13 -4.90 -3.60
C6B AZW B 3 -8.13 -4.23 -1.49
C3B AZW B 3 -9.68 -3.62 -3.74
C5B AZW B 3 -8.69 -2.94 -1.64
C4B AZW B 3 -9.46 -2.64 -2.77
N5B AZW B 3 -10.03 -1.36 -2.92
C3' AZW B 3 -7.76 -6.59 -2.31
O3' AZW B 3 -8.59 -7.57 -2.91
H5' AZW B 3 -12.16 5.13 -3.38
H5'' AZW B 3 -13.74 4.33 -3.22
H2A AZW B 3 -10.80 3.37 -4.22
H6A AZW B 3 -13.24 2.74 -0.73
H3A AZW B 3 -9.72 1.16 -3.88
H5A AZW B 3 -12.16 0.53 -0.38
H2B AZW B 3 -9.31 -5.65 -4.36
H6B AZW B 3 -7.52 -4.46 -0.62
H3B AZW B 3 -10.28 -3.38 -4.62
H5B AZW B 3 -8.51 -2.19 -0.88
H3' AZW B 3 -6.78 -6.65 -2.78
H3'' AZW B 3 -7.68 -6.85 -1.25
P AZW C 3 10.68 3.06 9.00
OP1 AZW C 3 11.24 2.06 9.94
OP2 AZW C 3 10.49 4.46 9.44
O5' AZW C 3 11.59 3.07 7.69
C5' AZW C 3 11.44 4.12 6.73
C1A AZW C 3 11.30 3.55 5.33
C2A AZW C 3 12.11 2.47 4.91
C6A AZW C 3 10.36 4.10 4.45
C3A AZW C 3 11.98 1.97 3.61
C5A AZW C 3 10.24 3.59 3.15
C4A AZW C 3 11.04 2.53 2.72
N5A AZW C 3 10.93 2.06 1.39
C1B AZW C 3 9.50 0.40 -3.14
C2B AZW C 3 10.16 -0.39 -2.19
C6B AZW C 3 8.94 1.62 -2.75
C3B AZW C 3 10.24 0.03 -0.86
C5B AZW C 3 9.02 2.04 -1.42
C4B AZW C 3 9.68 1.25 -0.48
N5B AZW C 3 9.79 1.71 0.85
C3' AZW C 3 9.44 -0.05 -4.59
O3' AZW C 3 10.71 -0.49 -5.04
H5' AZW C 3 12.31 4.77 6.77
H5'' AZW C 3 10.55 4.69 6.97
H2A AZW C 3 12.84 2.04 5.59
H6A AZW C 3 9.73 4.93 4.78
H3A AZW C 3 12.60 1.14 3.27
H5A AZW C 3 9.50 4.03 2.47
H2B AZW C 3 10.59 -1.36 -2.48
H6B AZW C 3 8.42 2.24 -3.49
H3B AZW C 3 10.77 -0.59 -0.13
H5B AZW C 3 8.57 3.00 -1.13
H3' AZW C 3 8.74 -0.86 -4.71
H3'' AZW C 3 9.16 0.80 -5.23
P AZW D 3 3.72 5.17 -12.51
OP1 AZW D 3 2.94 5.68 -13.66
OP2 AZW D 3 4.94 4.36 -12.74
O5' AZW D 3 4.12 6.42 -11.60
C5' AZW D 3 3.14 7.21 -10.93
C1A AZW D 3 3.39 7.23 -9.44
C2A AZW D 3 2.68 8.11 -8.63
C6A AZW D 3 4.35 6.37 -8.86
C3A AZW D 3 2.90 8.14 -7.25
C5A AZW D 3 4.58 6.41 -7.48
C4A AZW D 3 3.86 7.30 -6.67
N5A AZW D 3 4.07 7.34 -5.29
C1B AZW D 3 5.62 8.32 -0.58
C2B AZW D 3 5.25 9.46 -1.28
C6B AZW D 3 5.76 7.10 -1.25
C3B AZW D 3 5.02 9.40 -2.66
C5B AZW D 3 5.53 7.04 -2.64
C4B AZW D 3 5.16 8.19 -3.33
N5B AZW D 3 4.94 8.14 -4.72
C3' AZW D 3 5.88 8.39 0.92
O3' AZW D 3 6.45 9.64 1.28
H5' AZW D 3 2.15 6.78 -11.13
H5'' AZW D 3 3.17 8.23 -11.32
H2A AZW D 3 1.93 8.76 -9.07
H6A AZW D 3 4.91 5.67 -9.48
H3A AZW D 3 2.34 8.84 -6.63
H5A AZW D 3 5.32 5.74 -7.03
H2B AZW D 3 5.15 10.41 -0.76
H6B AZW D 3 6.05 6.20 -0.71
H3B AZW D 3 4.72 10.30 -3.20
H5B AZW D 3 5.62 6.09 -3.16
H3' AZW D 3 4.95 8.28 1.48
H3'' AZW D 3 6.58 7.61 1.22
K K E . -3.28 -1.74 0.59
K K F . 0.15 -0.17 -0.01
K K G . 3.35 1.70 -0.87
P AZW A 3 -1.91 -13.31 4.38
OP1 AZW A 3 -1.04 -14.08 5.29
OP2 AZW A 3 -2.63 -14.01 3.29
O5' AZW A 3 -2.99 -12.55 5.27
C5' AZW A 3 -2.58 -11.70 6.34
C1A AZW A 3 -3.47 -10.46 6.37
C2A AZW A 3 -3.96 -9.99 7.58
C6A AZW A 3 -3.76 -9.80 5.18
C3A AZW A 3 -4.78 -8.84 7.61
C5A AZW A 3 -4.58 -8.65 5.21
C4A AZW A 3 -5.08 -8.18 6.42
N5A AZW A 3 -5.88 -7.02 6.44
C1B AZW A 3 -7.79 -2.35 6.67
C2B AZW A 3 -7.30 -2.89 7.87
C6B AZW A 3 -7.48 -2.96 5.45
C3B AZW A 3 -6.50 -4.05 7.83
C5B AZW A 3 -6.68 -4.11 5.43
C4B AZW A 3 -6.19 -4.65 6.61
N5B AZW A 3 -5.39 -5.82 6.58
C3' AZW A 3 -8.64 -1.10 6.68
O3' AZW A 3 -9.31 -0.94 7.93
H5' AZW A 3 -1.55 -11.40 6.20
H5'' AZW A 3 -2.67 -12.22 7.30
H2A AZW A 3 -3.72 -10.51 8.51
H6A AZW A 3 -3.38 -10.17 4.23
H3A AZW A 3 -5.17 -8.48 8.56
H5A AZW A 3 -4.81 -8.14 4.28
H2B AZW A 3 -7.54 -2.43 8.83
H6B AZW A 3 -7.86 -2.53 4.52
H3B AZW A 3 -6.13 -4.47 8.76
H5B AZW A 3 -6.44 -4.59 4.46
H3' AZW A 3 -8.02 -0.20 6.53
H3'' AZW A 3 -9.41 -1.15 5.92
P AZW B 3 -13.09 6.07 -0.70
OP1 AZW B 3 -13.43 7.43 -1.15
OP2 AZW B 3 -13.61 5.58 0.60
O5' AZW B 3 -13.56 5.04 -1.82
C5' AZW B 3 -12.72 4.70 -2.92
C1A AZW B 3 -12.12 3.32 -2.72
C2A AZW B 3 -11.09 2.88 -3.56
C6A AZW B 3 -12.61 2.47 -1.71
C3A AZW B 3 -10.55 1.60 -3.40
C5A AZW B 3 -12.05 1.19 -1.55
C4A AZW B 3 -11.03 0.76 -2.40
N5A AZW B 3 -10.48 -0.54 -2.24
C1B AZW B 3 -8.68 -5.23 -2.79
C2B AZW B 3 -9.65 -4.99 -3.78
C6B AZW B 3 -8.28 -4.19 -1.94
C3B AZW B 3 -10.19 -3.71 -3.92
C5B AZW B 3 -8.83 -2.91 -2.07
C4B AZW B 3 -9.79 -2.67 -3.07
N5B AZW B 3 -10.33 -1.37 -3.22
C3' AZW B 3 -8.07 -6.61 -2.63
O3' AZW B 3 -8.79 -7.60 -3.35
H5' AZW B 3 -11.91 5.43 -3.02
H5'' AZW B 3 -13.30 4.70 -3.85
H2A AZW B 3 -10.71 3.54 -4.34
H6A AZW B 3 -13.41 2.80 -1.05
H3A AZW B 3 -9.74 1.27 -4.06
H5A AZW B 3 -12.44 0.53 -0.77
H2B AZW B 3 -9.97 -5.79 -4.44
H6B AZW B 3 -7.54 -4.38 -1.16
H3B AZW B 3 -10.95 -3.52 -4.68
H5B AZW B 3 -8.51 -2.10 -1.42
H3' AZW B 3 -7.04 -6.62 -3.02
H3'' AZW B 3 -8.07 -6.91 -1.59
P AZW C 3 10.01 1.39 9.27
OP1 AZW C 3 9.18 0.28 9.78
OP2 AZW C 3 10.54 2.41 10.20
O5' AZW C 3 11.22 0.77 8.45
C5' AZW C 3 11.87 1.54 7.44
C1A AZW C 3 11.45 1.06 6.08
C2A AZW C 3 11.88 -0.19 5.60
C6A AZW C 3 10.69 1.89 5.25
C3A AZW C 3 11.55 -0.60 4.30
C5A AZW C 3 10.37 1.49 3.95
C4A AZW C 3 10.80 0.25 3.47
N5A AZW C 3 10.52 -0.12 2.14
C1B AZW C 3 10.02 -0.11 -2.93
C2B AZW C 3 11.16 -0.62 -2.28
C6B AZW C 3 9.10 0.66 -2.20
C3B AZW C 3 11.36 -0.37 -0.91
C5B AZW C 3 9.30 0.91 -0.84
C4B AZW C 3 10.44 0.40 -0.20
N5B AZW C 3 10.69 0.72 1.15
C3' AZW C 3 9.80 -0.35 -4.40
O3' AZW C 3 11.05 -0.50 -5.10
H5' AZW C 3 12.95 1.45 7.55
H5'' AZW C 3 11.58 2.59 7.55
H2A AZW C 3 12.47 -0.85 6.24
H6A AZW C 3 10.34 2.87 5.62
H3A AZW C 3 11.88 -1.57 3.93
H5A AZW C 3 9.77 2.15 3.31
H2B AZW C 3 11.88 -1.21 -2.83
H6B AZW C 3 8.22 1.06 -2.70
H3B AZW C 3 12.25 -0.77 -0.41
H5B AZW C 3 8.57 1.50 -0.28
H3' AZW C 3 9.24 -1.28 -4.56
H3'' AZW C 3 9.29 0.49 -4.86
P AZW D 3 4.29 4.88 -12.29
OP1 AZW D 3 3.68 5.84 -13.24
OP2 AZW D 3 5.50 4.12 -12.69
O5' AZW D 3 4.63 5.66 -10.94
C5' AZW D 3 3.61 6.34 -10.21
C1A AZW D 3 4.13 6.69 -8.83
C2A AZW D 3 3.78 7.92 -8.25
C6A AZW D 3 4.96 5.80 -8.14
C3A AZW D 3 4.27 8.26 -6.98
C5A AZW D 3 5.46 6.14 -6.87
C4A AZW D 3 5.10 7.37 -6.29
N5A AZW D 3 5.61 7.71 -5.01
C1B AZW D 3 6.35 9.04 -0.21
C2B AZW D 3 6.05 10.06 -1.14
C6B AZW D 3 6.15 7.70 -0.57
C3B AZW D 3 5.55 9.74 -2.40
C5B AZW D 3 5.65 7.38 -1.84
C4B AZW D 3 5.34 8.40 -2.75
N5B AZW D 3 4.84 8.07 -4.03
C3' AZW D 3 6.90 9.37 1.16
O3' AZW D 3 6.92 10.79 1.38
H5' AZW D 3 2.73 5.70 -10.12
H5'' AZW D 3 3.32 7.25 -10.74
H2A AZW D 3 3.12 8.61 -8.78
H6A AZW D 3 5.22 4.84 -8.59
H3A AZW D 3 4.00 9.21 -6.53
H5A AZW D 3 6.11 5.45 -6.35
H2B AZW D 3 6.22 11.10 -0.88
H6B AZW D 3 6.38 6.91 0.14
H3B AZW D 3 5.31 10.53 -3.10
H5B AZW D 3 5.49 6.34 -2.12
H3' AZW D 3 6.26 8.94 1.95
H3'' AZW D 3 7.92 9.01 1.27
K K E . -3.42 -1.85 0.55
K K F . 0.00 -0.26 -0.15
K K G . 3.18 1.67 -0.94
P AZW A 3 -1.32 -13.28 4.06
OP1 AZW A 3 -0.51 -13.94 5.11
OP2 AZW A 3 -1.79 -14.08 2.89
O5' AZW A 3 -2.60 -12.62 4.74
C5' AZW A 3 -2.51 -12.00 6.02
C1A AZW A 3 -3.40 -10.78 6.07
C2A AZW A 3 -3.64 -10.17 7.30
C6A AZW A 3 -3.96 -10.26 4.89
C3A AZW A 3 -4.48 -9.04 7.36
C5A AZW A 3 -4.78 -9.12 4.96
C4A AZW A 3 -5.04 -8.51 6.19
N5A AZW A 3 -5.87 -7.38 6.25
C1B AZW A 3 -7.90 -2.78 6.72
C2B AZW A 3 -7.71 -3.59 7.85
C6B AZW A 3 -7.27 -3.12 5.51
C3B AZW A 3 -6.88 -4.72 7.78
C5B AZW A 3 -6.44 -4.25 5.44
C4B AZW A 3 -6.26 -5.05 6.58
N5B AZW A 3 -5.42 -6.18 6.51
C3' AZW A 3 -8.77 -1.54 6.78
O3' AZW A 3 -9.63 -1.56 7.92
H5' AZW A 3 -1.47 -11.70 6.22
H5'' AZW A 3 -2.82 -12.70 6.79
H2A AZW A 3 -3.20 -10.56 8.21
H6A AZW A 3 -3.77 -10.74 3.93
H3A AZW A 3 -4.68 -8.56 8.32
H5A AZW A 3 -5.22 -8.72 4.04
H2B AZW A 3 -8.20 -3.33 8.79
H6B AZW A 3 -7.41 -2.49 4.63
H3B AZW A 3 -6.74 -5.34 8.66
H5B AZW A 3 -5.95 -4.51 4.51
H3' AZW A 3 -8.16 -0.63 6.87
H3'' AZW A 3 -9.41 -1.48 5.90
P AZW B 3 -13.08 6.01 -0.75
OP1 AZW B 3 -13.53 7.20 -1.49
OP2 AZW B 3 -13.55 5.79 0.65
O5' AZW B 3 -13.46 4.72 -1.59
C5' AZW B 3 -12.74 4.36 -2.78
C1A AZW B 3 -12.24 2.93 -2.65
C2A AZW B 3 -11.87 2.24 -3.82
C6A AZW B 3 -12.14 2.31 -1.40
C3A AZW B 3 -11.41 0.91 -3.72
C5A AZW B 3 -11.69 0.99 -1.31
C4A AZW B 3 -11.32 0.28 -2.47
N5A AZW B 3 -10.89 -1.05 -2.39
C1B AZW B 3 -8.56 -5.51 -2.91
C2B AZW B 3 -9.35 -5.08 -3.98
C6B AZW B 3 -8.21 -4.61 -1.88
C3B AZW B 3 -9.80 -3.75 -4.03
C5B AZW B 3 -8.67 -3.28 -1.93
C4B AZW B 3 -9.46 -2.85 -3.01
N5B AZW B 3 -9.90 -1.51 -3.08
C3' AZW B 3 -8.03 -6.93 -2.86
O3' AZW B 3 -8.80 -7.78 -3.69
H5' AZW B 3 -11.90 5.04 -2.92
H5'' AZW B 3 -13.40 4.42 -3.64
H2A AZW B 3 -11.94 2.72 -4.79
H6A AZW B 3 -12.42 2.85 -0.50
H3A AZW B 3 -11.13 0.37 -4.63
H5A AZW B 3 -11.62 0.50 -0.34
H2B AZW B 3 -9.63 -5.77 -4.77
H6B AZW B 3 -7.60 -4.94 -1.05
H3B AZW B 3 -10.40 -3.41 -4.86
H5B AZW B 3 -8.42 -2.59 -1.13
H3' AZW B 3 -7.01 -6.98 -3.21
H3'' AZW B 3 -8.10 -7.33 -1.85
P AZW C 3 10.50 2.08 8.91
OP1 AZW C 3 11.07 1.35 10.06
OP2 AZW C 3 10.69 3.55 8.82
O5' AZW C 3 11.06 1.44 7.57
C5' AZW C 3 10.83 0.05 7.28
C1A AZW C 3 10.65 -0.14 5.79
C2A AZW C 3 10.88 -1.40 5.22
C6A AZW C 3 10.27 0.95 4.97
C3A AZW C 3 10.73 -1.57 3.83
C5A AZW C 3 10.12 0.76 3.59
C4A AZW C 3 10.34 -0.50 3.02
N5A AZW C 3 10.18 -0.69 1.64
C1B AZW C 3 10.12 -0.40 -3.40
C2B AZW C 3 10.92 -1.27 -2.65
C6B AZW C 3 9.45 0.66 -2.75
C3B AZW C 3 11.08 -1.09 -1.28
C5B AZW C 3 9.61 0.84 -1.37
C4B AZW C 3 10.43 -0.03 -0.64
N5B AZW C 3 10.59 0.16 0.75
C3' AZW C 3 9.95 -0.59 -4.89
O3' AZW C 3 11.14 -1.11 -5.47
H5' AZW C 3 9.94 -0.28 7.80
H5'' AZW C 3 11.68 -0.53 7.62
H2A AZW C 3 11.18 -2.24 5.84
H6A AZW C 3 10.09 1.92 5.41
H3A AZW C 3 10.90 -2.56 3.39
H5A AZW C 3 9.81 1.59 2.97
H2B AZW C 3 11.44 -2.10 -3.15
H6B AZW C 3 8.82 1.34 -3.33
H3B AZW C 3 11.72 -1.76 -0.71
H5B AZW C 3 9.09 1.66 -0.86
H3' AZW C 3 9.15 -1.30 -5.10
H3'' AZW C 3 9.74 0.36 -5.37
P AZW D 3 2.85 5.08 -12.63
OP1 AZW D 3 1.37 5.14 -12.64
OP2 AZW D 3 3.57 4.64 -13.85
O5' AZW D 3 3.41 6.51 -12.21
C5' AZW D 3 4.70 6.60 -11.62
C1A AZW D 3 4.59 6.75 -10.11
C2A AZW D 3 3.72 7.68 -9.55
C6A AZW D 3 5.40 5.95 -9.29
C3A AZW D 3 3.67 7.85 -8.15
C5A AZW D 3 5.35 6.11 -7.90
C4A AZW D 3 4.49 7.06 -7.32
N5A AZW D 3 4.50 7.24 -5.93
C1B AZW D 3 5.96 7.85 -1.08
C2B AZW D 3 5.40 8.85 -1.87
C6B AZW D 3 6.37 6.65 -1.66
C3B AZW D 3 5.26 8.66 -3.25
C5B AZW D 3 6.22 6.45 -3.04
C4B AZW D 3 5.68 7.46 -3.84
N5B AZW D 3 5.61 7.28 -5.24
C3' AZW D 3 6.15 8.07 0.41
O3' AZW D 3 6.71 9.35 0.66
H5' AZW D 3 5.24 7.46 -12.03
H5'' AZW D 3 5.26 5.70 -11.84
H2A AZW D 3 3.08 8.29 -10.18
H6A AZW D 3 6.07 5.21 -9.73
H3A AZW D 3 3.00 8.57 -7.71
H5A AZW D 3 5.99 5.50 -7.27
H2B AZW D 3 5.07 9.79 -1.42
H6B AZW D 3 6.79 5.86 -1.03
H3B AZW D 3 4.82 9.44 -3.86
H5B AZW D 3 6.54 5.51 -3.49
H3' AZW D 3 5.19 8.03 0.93
H3'' AZW D 3 6.85 7.34 0.82
K K E . -3.51 -1.65 0.64
K K F . -0.10 0.05 -0.08
K K G . 3.49 1.39 -0.86
P AZW A 3 -1.40 -13.03 5.03
OP1 AZW A 3 0.02 -13.31 4.76
OP2 AZW A 3 -2.38 -14.14 5.02
O5' AZW A 3 -1.52 -12.27 6.43
C5' AZW A 3 -0.79 -11.06 6.66
C1A AZW A 3 -1.75 -9.90 6.88
C2A AZW A 3 -1.38 -8.88 7.76
C6A AZW A 3 -2.98 -9.83 6.19
C3A AZW A 3 -2.23 -7.78 7.96
C5A AZW A 3 -3.82 -8.73 6.39
C4A AZW A 3 -3.45 -7.71 7.27
N5A AZW A 3 -4.30 -6.58 7.46
C1B AZW A 3 -7.50 -2.69 7.06
C2B AZW A 3 -7.21 -3.53 8.14
C6B AZW A 3 -6.97 -2.98 5.79
C3B AZW A 3 -6.38 -4.65 7.96
C5B AZW A 3 -6.16 -4.10 5.62
C4B AZW A 3 -5.86 -4.93 6.69
N5B AZW A 3 -5.02 -6.06 6.51
C3' AZW A 3 -8.40 -1.47 7.22
O3' AZW A 3 -9.08 -1.49 8.48
H5' AZW A 3 -0.15 -10.85 5.80
H5'' AZW A 3 -0.15 -11.18 7.54
H2A AZW A 3 -0.44 -8.93 8.29
H6A AZW A 3 -3.27 -10.63 5.51
H3A AZW A 3 -1.94 -6.99 8.65
H5A AZW A 3 -4.76 -8.68 5.86
H2B AZW A 3 -7.61 -3.30 9.13
H6B AZW A 3 -7.20 -2.34 4.94
H3B AZW A 3 -6.16 -5.30 8.82
H5B AZW A 3 -5.74 -4.32 4.63
H3' AZW A 3 -7.81 -0.56 7.19
H3'' AZW A 3 -9.17 -1.47 6.45
P AZW B 3 -13.32 5.05 0.66
OP1 AZW B 3 -14.36 5.89 0.02
OP2 AZW B 3 -13.27 4.97 2.14
O5' AZW B 3 -13.44 3.58 0.09
C5' AZW B 3 -13.40 3.33 -1.31
C1A AZW B 3 -12.74 2.00 -1.59
C2A AZW B 3 -12.95 1.36 -2.82
C6A AZW B 3 -11.94 1.39 -0.61
C3A AZW B 3 -12.35 0.13 -3.09
C5A AZW B 3 -11.35 0.13 -0.88
C4A AZW B 3 -11.55 -0.49 -2.11
N5A AZW B 3 -10.98 -1.75 -2.37
C1B AZW B 3 -8.10 -5.83 -2.89
C2B AZW B 3 -8.14 -4.84 -3.89
C6B AZW B 3 -8.59 -5.56 -1.61
C3B AZW B 3 -8.69 -3.59 -3.60
C5B AZW B 3 -9.15 -4.30 -1.33
C4B AZW B 3 -9.20 -3.32 -2.32
N5B AZW B 3 -9.76 -2.06 -2.04
C3' AZW B 3 -7.49 -7.19 -3.19
O3' AZW B 3 -8.24 -7.85 -4.21
H5' AZW B 3 -12.84 4.13 -1.81
H5'' AZW B 3 -14.41 3.32 -1.72
H2A AZW B 3 -13.56 1.84 -3.58
H6A AZW B 3 -11.76 1.87 0.35
H3A AZW B 3 -12.51 -0.35 -4.05
H5A AZW B 3 -10.73 -0.33 -0.11
H2B AZW B 3 -7.76 -5.05 -4.88
H6B AZW B 3 -8.55 -6.32 -0.83
H3B AZW B 3 -8.74 -2.83 -4.38
H5B AZW B 3 -9.54 -4.09 -0.33
H3' AZW B 3 -6.47 -7.08 -3.57
H3'' AZW B 3 -7.53 -7.82 -2.31
P AZW C 3 8.60 0.00 8.60
OP1 AZW C 3 7.75 -0.51 7.51
OP2 AZW C 3 8.24 -0.29 10.01
O5' AZW C 3 10.07 -0.56 8.36
C5' AZW C 3 11.02 0.12 7.54
C1A AZW C 3 10.69 -0.08 6.08
C2A AZW C 3 10.83 -1.35 5.50
C6A AZW C 3 10.29 1.01 5.29
C3A AZW C 3 10.58 -1.53 4.13
C5A AZW C 3 10.05 0.83 3.91
C4A AZW C 3 10.20 -0.44 3.34
N5A AZW C 3 9.99 -0.60 1.95
C1B AZW C 3 10.45 -0.75 -3.11
C2B AZW C 3 10.92 -1.82 -2.34
C6B AZW C 3 10.11 0.46 -2.50
C3B AZW C 3 11.06 -1.68 -0.95
C5B AZW C 3 10.25 0.61 -1.10
C4B AZW C 3 10.73 -0.47 -0.33
N5B AZW C 3 10.90 -0.31 1.06
C3' AZW C 3 10.28 -0.90 -4.61
O3' AZW C 3 11.33 -1.68 -5.17
H5' AZW C 3 12.03 -0.25 7.74
H5'' AZW C 3 11.00 1.20 7.76
H2A AZW C 3 11.12 -2.20 6.11
H6A AZW C 3 10.17 1.99 5.74
H3A AZW C 3 10.69 -2.52 3.68
H5A AZW C 3 9.75 1.68 3.31
H2B AZW C 3 11.18 -2.76 -2.82
H6B AZW C 3 9.74 1.29 -3.09
H3B AZW C 3 11.43 -2.51 -0.36
H5B AZW C 3 9.99 1.54 -0.63
H3' AZW C 3 9.35 -1.39 -4.85
H3'' AZW C 3 10.33 0.08 -5.10
P AZW D 3 3.68 5.68 -12.85
OP1 AZW D 3 2.47 5.80 -13.70
OP2 AZW D 3 4.96 5.21 -13.45
O5' AZW D 3 3.94 7.11 -12.18
C5' AZW D 3 2.94 7.76 -11.40
C1A AZW D 3 3.45 8.01 -10.00
C2A AZW D 3 3.12 9.22 -9.35
C6A AZW D 3 4.21 7.05 -9.34
C3A AZW D 3 3.57 9.44 -8.05
C5A AZW D 3 4.66 7.29 -8.03
C4A AZW D 3 4.34 8.48 -7.38
N5A AZW D 3 4.79 8.71 -6.07
C1B AZW D 3 5.63 8.83 -1.11
C2B AZW D 3 5.08 9.89 -1.86
C6B AZW D 3 5.71 7.56 -1.68
C3B AZW D 3 4.62 9.67 -3.16
C5B AZW D 3 5.24 7.33 -2.97
C4B AZW D 3 4.70 8.37 -3.72
N5B AZW D 3 4.24 8.15 -5.03
C3' AZW D 3 6.11 9.05 0.31
O3' AZW D 3 6.41 10.43 0.55
H5' AZW D 3 2.05 7.12 -11.35
H5'' AZW D 3 2.67 8.70 -11.88
H2A AZW D 3 2.53 9.98 -9.86
H6A AZW D 3 4.47 6.11 -9.83
H3A AZW D 3 3.32 10.38 -7.53
H5A AZW D 3 5.27 6.54 -7.52
H2B AZW D 3 5.04 10.90 -1.44
H6B AZW D 3 6.13 6.73 -1.10
H3B AZW D 3 4.20 10.49 -3.74
H5B AZW D 3 5.30 6.33 -3.40
H3' AZW D 3 5.34 8.76 1.02
H3'' AZW D 3 7.03 8.50 0.48
K K E . -3.32 -1.68 0.68
K K F . -0.04 0.01 -0.31
K K G . 3.42 1.76 -1.24
P AZW A 3 -2.17 -13.17 3.84
OP1 AZW A 3 -1.70 -13.95 5.00
OP2 AZW A 3 -2.90 -13.88 2.75
O5' AZW A 3 -3.10 -12.00 4.37
C5' AZW A 3 -2.71 -11.22 5.49
C1A AZW A 3 -3.62 -10.02 5.64
C2A AZW A 3 -4.18 -9.71 6.89
C6A AZW A 3 -3.91 -9.22 4.52
C3A AZW A 3 -5.01 -8.59 7.02
C5A AZW A 3 -4.74 -8.10 4.66
C4A AZW A 3 -5.28 -7.78 5.90
N5A AZW A 3 -6.10 -6.65 6.05
C1B AZW A 3 -7.89 -1.95 6.66
C2B AZW A 3 -7.54 -2.71 7.78
C6B AZW A 3 -7.49 -2.36 5.39
C3B AZW A 3 -6.80 -3.89 7.62
C5B AZW A 3 -6.74 -3.53 5.23
C4B AZW A 3 -6.39 -4.29 6.35
N5B AZW A 3 -5.61 -5.45 6.19
C3' AZW A 3 -8.68 -0.66 6.82
O3' AZW A 3 -9.29 -0.58 8.11
H5' AZW A 3 -1.68 -10.88 5.37
H5'' AZW A 3 -2.76 -11.82 6.40
H2A AZW A 3 -3.96 -10.33 7.75
H6A AZW A 3 -3.49 -9.48 3.55
H3A AZW A 3 -5.44 -8.35 7.99
H5A AZW A 3 -4.95 -7.48 3.79
H2B AZW A 3 -7.86 -2.41 8.78
H6B AZW A 3 -7.77 -1.77 4.51
H3B AZW A 3 -6.53 -4.48 8.49
H5B AZW A 3 -6.42 -3.84 4.24
H3' AZW A 3 -8.04 0.21 6.72
H3'' AZW A 3 -9.49 -0.62 6.10
P AZW B 3 -13.46 5.33 -0.37
OP1 AZW B 3 -14.09 6.60 -0.78
OP2 AZW B 3 -13.61 4.87 1.03
O5' AZW B 3 -14.00 4.17 -1.31
C5' AZW B 3 -13.35 3.85 -2.55
C1A AZW B 3 -12.54 2.59 -2.39
C2A AZW B 3 -11.57 2.26 -3.36
C6A AZW B 3 -12.75 1.74 -1.30
C3A AZW B 3 -10.84 1.08 -3.24
C5A AZW B 3 -12.01 0.55 -1.18
C4A AZW B 3 -11.06 0.22 -2.15
N5A AZW B 3 -10.35 -1.00 -2.07
C1B AZW B 3 -8.49 -5.65 -2.82
C2B AZW B 3 -9.61 -5.48 -3.65
C6B AZW B 3 -8.05 -4.59 -2.03
C3B AZW B 3 -10.28 -4.24 -3.67
C5B AZW B 3 -8.72 -3.36 -2.05
C4B AZW B 3 -9.84 -3.18 -2.88
N5B AZW B 3 -10.52 -1.95 -2.92
C3' AZW B 3 -7.76 -6.98 -2.81
O3' AZW B 3 -8.51 -7.98 -3.49
H5' AZW B 3 -12.70 4.68 -2.85
H5'' AZW B 3 -14.11 3.70 -3.32
H2A AZW B 3 -11.40 2.93 -4.20
H6A AZW B 3 -13.50 1.97 -0.54
H3A AZW B 3 -10.08 0.84 -3.98
H5A AZW B 3 -12.18 -0.11 -0.33
H2B AZW B 3 -9.97 -6.29 -4.27
H6B AZW B 3 -7.18 -4.72 -1.37
H3B AZW B 3 -11.16 -4.12 -4.32
H5B AZW B 3 -8.36 -2.54 -1.43
H3' AZW B 3 -6.80 -6.89 -3.31
H3'' AZW B 3 -7.63 -7.32 -1.78
P AZW C 3 11.10 2.46 8.98
OP1 AZW C 3 11.40 2.04 10.36
OP2 AZW C 3 11.24 3.88 8.59
O5' AZW C 3 12.00 1.60 7.99
C5' AZW C 3 11.68 0.24 7.69
C1A AZW C 3 11.32 0.09 6.23
C2A AZW C 3 11.33 -1.19 5.64
C6A AZW C 3 10.98 1.22 5.46
C3A AZW C 3 11.01 -1.33 4.28
C5A AZW C 3 10.67 1.07 4.09
C4A AZW C 3 10.68 -0.21 3.52
N5A AZW C 3 10.36 -0.38 2.14
C1B AZW C 3 9.95 -0.19 -2.88
C2B AZW C 3 10.59 -1.21 -2.17
C6B AZW C 3 9.60 1.00 -2.23
C3B AZW C 3 10.92 -1.03 -0.81
C5B AZW C 3 9.92 1.18 -0.87
C4B AZW C 3 10.58 0.17 -0.17
N5B AZW C 3 10.90 0.34 1.20
C3' AZW C 3 9.59 -0.40 -4.34
O3' AZW C 3 10.65 -1.03 -5.05
H5' AZW C 3 10.85 -0.10 8.31
H5'' AZW C 3 12.54 -0.39 7.91
H2A AZW C 3 11.59 -2.05 6.23
H6A AZW C 3 10.97 2.21 5.91
H3A AZW C 3 11.02 -2.32 3.82
H5A AZW C 3 10.41 1.94 3.50
H2B AZW C 3 10.87 -2.14 -2.66
H6B AZW C 3 9.11 1.80 -2.78
H3B AZW C 3 11.43 -1.82 -0.27
H5B AZW C 3 9.65 2.11 -0.37
H3' AZW C 3 8.71 -1.04 -4.43
H3'' AZW C 3 9.41 0.56 -4.81
P AZW D 3 5.32 4.74 -12.22
OP1 AZW D 3 5.03 5.67 -13.34
OP2 AZW D 3 6.38 3.73 -12.37
O5' AZW D 3 5.63 5.60 -10.92
C5' AZW D 3 4.62 6.42 -10.33
C1A AZW D 3 5.01 6.76 -8.90
C2A AZW D 3 4.48 7.90 -8.29
C6A AZW D 3 5.90 5.93 -8.19
C3A AZW D 3 4.83 8.22 -6.99
C5A AZW D 3 6.25 6.26 -6.87
C4A AZW D 3 5.72 7.41 -6.28
N5A AZW D 3 6.08 7.75 -4.95
C1B AZW D 3 6.31 9.02 -0.07
C2B AZW D 3 6.01 10.01 -1.02
C6B AZW D 3 6.25 7.66 -0.45
C3B AZW D 3 5.63 9.65 -2.33
C5B AZW D 3 5.89 7.31 -1.76
C4B AZW D 3 5.59 8.30 -2.69
N5B AZW D 3 5.22 7.95 -4.01
C3' AZW D 3 6.70 9.39 1.34
O3' AZW D 3 6.70 10.80 1.52
H5' AZW D 3 3.68 5.90 -10.34
H5'' AZW D 3 4.52 7.34 -10.90
H2A AZW D 3 3.79 8.54 -8.85
H6A AZW D 3 6.31 5.04 -8.66
H3A AZW D 3 4.40 9.10 -6.50
H5A AZW D 3 6.94 5.62 -6.32
H2B AZW D 3 6.05 11.06 -0.75
H6B AZW D 3 6.49 6.88 0.27
H3B AZW D 3 5.39 10.43 -3.05
H5B AZW D 3 5.86 6.26 -2.05
H3' AZW D 3 5.99 8.98 2.06
H3'' AZW D 3 7.71 9.04 1.56
K K E . -3.29 -1.76 0.54
K K F . 0.02 0.05 -0.25
K K G . 3.60 1.72 -0.79
P AZW A 3 -0.97 -11.89 5.07
OP1 AZW A 3 0.41 -11.39 5.30
OP2 AZW A 3 -1.50 -12.88 6.03
O5' AZW A 3 -1.96 -10.64 5.09
C5' AZW A 3 -1.74 -9.60 6.03
C1A AZW A 3 -2.93 -8.67 6.11
C2A AZW A 3 -3.13 -7.92 7.26
C6A AZW A 3 -3.80 -8.52 5.01
C3A AZW A 3 -4.19 -7.01 7.34
C5A AZW A 3 -4.86 -7.61 5.10
C4A AZW A 3 -5.05 -6.85 6.27
N5A AZW A 3 -6.08 -5.90 6.35
C1B AZW A 3 -8.71 -1.56 6.64
C2B AZW A 3 -8.38 -2.37 7.73
C6B AZW A 3 -8.11 -1.78 5.38
C3B AZW A 3 -7.46 -3.42 7.56
C5B AZW A 3 -7.19 -2.82 5.23
C4B AZW A 3 -6.86 -3.64 6.33
N5B AZW A 3 -5.86 -4.62 6.22
C3' AZW A 3 -9.68 -0.40 6.80
O3' AZW A 3 -10.14 -0.31 8.15
H5' AZW A 3 -0.85 -9.03 5.73
H5'' AZW A 3 -1.55 -10.03 7.02
H2A AZW A 3 -2.46 -8.04 8.12
H6A AZW A 3 -3.66 -9.11 4.11
H3A AZW A 3 -4.34 -6.43 8.26
H5A AZW A 3 -5.54 -7.48 4.25
H2B AZW A 3 -8.85 -2.23 8.69
H6B AZW A 3 -8.37 -1.16 4.53
H3B AZW A 3 -7.20 -4.05 8.41
H5B AZW A 3 -6.73 -3.01 4.26
H3' AZW A 3 -9.19 0.55 6.58
H3'' AZW A 3 -10.55 -0.53 6.18
P AZW B 3 -13.26 5.47 -0.56
OP1 AZW B 3 -14.08 6.02 -1.65
OP2 AZW B 3 -13.58 5.82 0.83
O5' AZW B 3 -13.25 3.88 -0.68
C5' AZW B 3 -13.39 3.24 -1.94
C1A AZW B 3 -12.46 2.04 -2.03
C2A AZW B 3 -12.20 1.45 -3.27
C6A AZW B 3 -11.87 1.51 -0.87
C3A AZW B 3 -11.36 0.34 -3.36
C5A AZW B 3 -11.02 0.39 -0.96
C4A AZW B 3 -10.77 -0.19 -2.20
N5A AZW B 3 -9.96 -1.33 -2.30
C1B AZW B 3 -8.19 -6.07 -2.72
C2B AZW B 3 -8.28 -5.16 -3.78
C6B AZW B 3 -8.83 -5.79 -1.50
C3B AZW B 3 -9.00 -3.97 -3.63
C5B AZW B 3 -9.55 -4.60 -1.36
C4B AZW B 3 -9.65 -3.70 -2.43
N5B AZW B 3 -10.44 -2.54 -2.31
C3' AZW B 3 -7.45 -7.37 -2.91
O3' AZW B 3 -8.18 -8.25 -3.76
H5' AZW B 3 -13.14 3.94 -2.74
H5'' AZW B 3 -14.41 2.91 -2.08
H2A AZW B 3 -12.66 1.85 -4.17
H6A AZW B 3 -12.07 1.96 0.10
H3A AZW B 3 -11.16 -0.13 -4.33
H5A AZW B 3 -10.56 0.00 -0.06
H2B AZW B 3 -7.78 -5.37 -4.72
H6B AZW B 3 -8.75 -6.49 -0.67
H3B AZW B 3 -9.07 -3.27 -4.46
H5B AZW B 3 -10.05 -4.38 -0.41
H3' AZW B 3 -6.48 -7.20 -3.37
H3'' AZW B 3 -7.33 -7.88 -1.95
P AZW C 3 10.76 1.75 8.59
OP1 AZW C 3 11.39 0.72 9.44
OP2 AZW C 3 10.87 3.17 8.98
O5' AZW C 3 11.33 1.61 7.11
C5' AZW C 3 11.79 0.34 6.61
C1A AZW C 3 11.70 0.35 5.09
C2A AZW C 3 12.86 0.27 4.32
C6A AZW C 3 10.44 0.43 4.48
C3A AZW C 3 12.77 0.26 2.93
C5A AZW C 3 10.36 0.42 3.08
C4A AZW C 3 11.52 0.33 2.30
N5A AZW C 3 11.42 0.33 0.89
C1B AZW C 3 10.26 -0.51 -3.95
C2B AZW C 3 11.20 -1.33 -3.32
C6B AZW C 3 9.44 0.33 -3.20
C3B AZW C 3 11.31 -1.30 -1.91
C5B AZW C 3 9.54 0.35 -1.80
C4B AZW C 3 10.49 -0.46 -1.16
N5B AZW C 3 10.59 -0.44 0.24
C3' AZW C 3 10.12 -0.53 -5.47
O3' AZW C 3 11.23 -1.17 -6.09
H5' AZW C 3 11.17 -0.45 7.01
H5'' AZW C 3 12.82 0.19 6.91
H2A AZW C 3 13.83 0.21 4.80
H6A AZW C 3 9.53 0.49 5.07
H3A AZW C 3 13.67 0.19 2.33
H5A AZW C 3 9.38 0.49 2.60
H2B AZW C 3 11.84 -1.99 -3.89
H6B AZW C 3 8.70 0.97 -3.69
H3B AZW C 3 12.04 -1.95 -1.42
H5B AZW C 3 8.90 1.01 -1.21
H3' AZW C 3 9.23 -1.10 -5.76
H3'' AZW C 3 10.07 0.48 -5.85
P AZW D 3 3.79 5.29 -12.44
OP1 AZW D 3 3.17 6.21 -13.41
OP2 AZW D 3 4.93 4.44 -12.86
O5' AZW D 3 4.24 6.14 -11.17
C5' AZW D 3 3.29 6.94 -10.48
C1A AZW D 3 3.81 7.30 -9.11
C2A AZW D 3 3.68 8.61 -8.64
C6A AZW D 3 4.38 6.31 -8.30
C3A AZW D 3 4.13 8.94 -7.35
C5A AZW D 3 4.83 6.63 -7.01
C4A AZW D 3 4.70 7.95 -6.54
N5A AZW D 3 5.09 8.28 -5.22
C1B AZW D 3 6.28 8.55 -0.35
C2B AZW D 3 5.19 9.15 -0.99
C6B AZW D 3 7.03 7.57 -1.03
C3B AZW D 3 4.84 8.77 -2.29
C5B AZW D 3 6.68 7.20 -2.33
C4B AZW D 3 5.59 7.80 -2.96
N5B AZW D 3 5.21 7.42 -4.26
C3' AZW D 3 6.66 8.96 1.05
O3' AZW D 3 6.79 10.37 1.15
H5' AZW D 3 2.35 6.40 -10.38
H5'' AZW D 3 3.10 7.86 -11.04
H2A AZW D 3 3.26 9.38 -9.28
H6A AZW D 3 4.48 5.29 -8.66
H3A AZW D 3 4.04 9.96 -6.99
H5A AZW D 3 5.28 5.87 -6.38
H2B AZW D 3 4.60 9.91 -0.49
H6B AZW D 3 7.89 7.11 -0.53
H3B AZW D 3 3.99 9.24 -2.78
H5B AZW D 3 7.26 6.43 -2.86
H3' AZW D 3 5.88 8.66 1.76
H3'' AZW D 3 7.62 8.53 1.33
K K E . -3.46 -1.63 0.75
K K F . -0.03 -0.05 -0.19
K K G . 3.39 1.57 -1.13
P AZW A 3 -0.39 -13.09 4.61
OP1 AZW A 3 1.09 -13.04 4.42
OP2 AZW A 3 -1.08 -14.40 4.58
O5' AZW A 3 -0.75 -12.37 5.98
C5' AZW A 3 -2.13 -12.24 6.34
C1A AZW A 3 -2.56 -10.79 6.35
C2A AZW A 3 -2.28 -9.97 7.44
C6A AZW A 3 -3.34 -10.31 5.29
C3A AZW A 3 -2.79 -8.66 7.48
C5A AZW A 3 -3.84 -9.00 5.32
C4A AZW A 3 -3.58 -8.17 6.42
N5A AZW A 3 -4.18 -6.89 6.49
C1B AZW A 3 -7.47 -3.02 6.59
C2B AZW A 3 -6.89 -3.57 7.74
C6B AZW A 3 -7.36 -3.69 5.37
C3B AZW A 3 -6.20 -4.78 7.67
C5B AZW A 3 -6.67 -4.91 5.29
C4B AZW A 3 -6.10 -5.46 6.44
N5B AZW A 3 -5.45 -6.72 6.38
C3' AZW A 3 -8.25 -1.72 6.66
O3' AZW A 3 -8.99 -1.63 7.87
H5' AZW A 3 -2.30 -12.67 7.34
H5'' AZW A 3 -2.75 -12.79 5.62
H2A AZW A 3 -1.66 -10.33 8.26
H6A AZW A 3 -3.54 -10.94 4.42
H3A AZW A 3 -2.57 -8.01 8.33
H5A AZW A 3 -4.45 -8.63 4.49
H2B AZW A 3 -6.98 -3.04 8.70
H6B AZW A 3 -7.80 -3.27 4.46
H3B AZW A 3 -5.75 -5.21 8.57
H5B AZW A 3 -6.58 -5.43 4.34
H3' AZW A 3 -7.57 -0.87 6.65
H3'' AZW A 3 -8.97 -1.66 5.85
P AZW B 3 -13.30 5.93 -0.23
OP1 AZW B 3 -13.92 7.02 -1.01
OP2 AZW B 3 -13.48 5.90 1.24
O5' AZW B 3 -13.80 4.54 -0.82
C5' AZW B 3 -13.54 4.20 -2.18
C1A AZW B 3 -12.89 2.84 -2.26
C2A AZW B 3 -12.13 2.51 -3.40
C6A AZW B 3 -13.07 1.90 -1.25
C3A AZW B 3 -11.56 1.25 -3.51
C5A AZW B 3 -12.49 0.62 -1.36
C4A AZW B 3 -11.74 0.30 -2.49
N5A AZW B 3 -11.20 -1.00 -2.65
C1B AZW B 3 -8.54 -5.28 -2.60
C2B AZW B 3 -8.64 -4.39 -3.69
C6B AZW B 3 -8.96 -4.86 -1.33
C3B AZW B 3 -9.16 -3.11 -3.51
C5B AZW B 3 -9.48 -3.57 -1.15
C4B AZW B 3 -9.58 -2.70 -2.23
N5B AZW B 3 -10.10 -1.40 -2.06
C3' AZW B 3 -7.98 -6.67 -2.81
O3' AZW B 3 -8.92 -7.48 -3.51
H5' AZW B 3 -12.90 4.96 -2.63
H5'' AZW B 3 -14.49 4.18 -2.73
H2A AZW B 3 -11.97 3.24 -4.18
H6A AZW B 3 -13.65 2.16 -0.35
H3A AZW B 3 -10.97 0.99 -4.39
H5A AZW B 3 -12.63 -0.11 -0.56
H2B AZW B 3 -8.31 -4.71 -4.67
H6B AZW B 3 -8.89 -5.54 -0.48
H3B AZW B 3 -9.23 -2.42 -4.36
H5B AZW B 3 -9.81 -3.26 -0.16
H3' AZW B 3 -7.07 -6.64 -3.41
H3'' AZW B 3 -7.80 -7.15 -1.86
P AZW C 3 10.47 2.79 8.69
OP1 AZW C 3 11.33 1.90 9.53
OP2 AZW C 3 10.33 4.22 9.07
O5' AZW C 3 10.99 2.73 7.19
C5' AZW C 3 11.69 1.59 6.71
C1A AZW C 3 11.50 1.46 5.22
C2A AZW C 3 12.51 1.89 4.34
C6A AZW C 3 10.33 0.86 4.71
C3A AZW C 3 12.37 1.69 2.96
C5A AZW C 3 10.20 0.67 3.33
C4A AZW C 3 11.21 1.08 2.45
N5A AZW C 3 11.11 0.83 1.07
C1B AZW C 3 9.96 -0.32 -3.67
C2B AZW C 3 10.58 -1.21 -2.78
C6B AZW C 3 9.34 0.83 -3.17
C3B AZW C 3 10.57 -0.96 -1.41
C5B AZW C 3 9.34 1.09 -1.80
C4B AZW C 3 9.96 0.20 -0.91
N5B AZW C 3 10.00 0.47 0.46
C3' AZW C 3 9.98 -0.59 -5.16
O3' AZW C 3 11.21 -1.20 -5.55
H5' AZW C 3 11.31 0.70 7.20
H5'' AZW C 3 12.75 1.69 6.93
H2A AZW C 3 13.41 2.36 4.73
H6A AZW C 3 9.55 0.55 5.39
H3A AZW C 3 13.15 2.03 2.28
H5A AZW C 3 9.29 0.20 2.93
H2B AZW C 3 11.07 -2.11 -3.16
H6B AZW C 3 8.86 1.54 -3.86
H3B AZW C 3 11.04 -1.66 -0.72
H5B AZW C 3 8.84 1.99 -1.41
H3' AZW C 3 9.18 -1.27 -5.43
H3'' AZW C 3 9.89 0.33 -5.72
P AZW D 3 4.90 5.00 -12.49
OP1 AZW D 3 4.43 5.89 -13.57
OP2 AZW D 3 5.97 4.02 -12.76
O5' AZW D 3 5.35 5.91 -11.27
C5' AZW D 3 4.50 6.93 -10.76
C1A AZW D 3 4.86 7.23 -9.32
C2A AZW D 3 5.04 8.56 -8.90
C6A AZW D 3 5.02 6.18 -8.41
C3A AZW D 3 5.35 8.83 -7.57
C5A AZW D 3 5.34 6.45 -7.07
C4A AZW D 3 5.51 7.78 -6.65
N5A AZW D 3 5.82 8.05 -5.31
C1B AZW D 3 6.05 8.37 -0.27
C2B AZW D 3 5.61 9.40 -1.12
C6B AZW D 3 6.20 7.07 -0.77
C3B AZW D 3 5.32 9.13 -2.46
C5B AZW D 3 5.91 6.80 -2.12
C4B AZW D 3 5.47 7.83 -2.96
N5B AZW D 3 5.16 7.56 -4.31
C3' AZW D 3 6.34 8.65 1.19
O3' AZW D 3 6.66 10.02 1.40
H5' AZW D 3 3.46 6.60 -10.80
H5'' AZW D 3 4.60 7.83 -11.35
H2A AZW D 3 4.91 9.38 -9.61
H6A AZW D 3 4.90 5.15 -8.74
H3A AZW D 3 5.49 9.86 -7.24
H5A AZW D 3 5.46 5.63 -6.37
H2B AZW D 3 5.50 10.41 -0.74
H6B AZW D 3 6.54 6.26 -0.12
H3B AZW D 3 4.98 9.94 -3.12
H5B AZW D 3 6.03 5.78 -2.51
H3' AZW D 3 5.46 8.43 1.81
H3'' AZW D 3 7.19 8.06 1.52
K K E . -3.48 -1.78 0.68
K K F . -0.14 -0.07 -0.19
K K G . 3.19 1.65 -1.00
P AZW A 3 -1.73 -13.78 3.65
OP1 AZW A 3 -0.79 -14.74 4.28
OP2 AZW A 3 -2.66 -14.26 2.60
O5' AZW A 3 -2.61 -13.11 4.80
C5' AZW A 3 -2.04 -12.21 5.74
C1A AZW A 3 -2.89 -10.97 5.86
C2A AZW A 3 -2.58 -10.01 6.85
C6A AZW A 3 -3.98 -10.76 5.01
C3A AZW A 3 -3.38 -8.86 6.97
C5A AZW A 3 -4.77 -9.62 5.13
C4A AZW A 3 -4.46 -8.67 6.12
N5A AZW A 3 -5.27 -7.51 6.26
C1B AZW A 3 -7.22 -2.87 6.40
C2B AZW A 3 -6.55 -3.42 7.52
C6B AZW A 3 -7.08 -3.48 5.15
C3B AZW A 3 -5.76 -4.55 7.37
C5B AZW A 3 -6.29 -4.62 5.01
C4B AZW A 3 -5.63 -5.16 6.11
N5B AZW A 3 -4.84 -6.32 5.98
C3' AZW A 3 -8.06 -1.62 6.55
O3' AZW A 3 -8.73 -1.60 7.82
H5' AZW A 3 -1.03 -11.94 5.42
H5'' AZW A 3 -1.97 -12.71 6.71
H2A AZW A 3 -1.74 -10.17 7.51
H6A AZW A 3 -4.22 -11.50 4.24
H3A AZW A 3 -3.14 -8.13 7.74
H5A AZW A 3 -5.62 -9.46 4.48
H2B AZW A 3 -6.67 -2.96 8.50
H6B AZW A 3 -7.59 -3.05 4.28
H3B AZW A 3 -5.24 -4.97 8.23
H5B AZW A 3 -6.19 -5.10 4.03
H3' AZW A 3 -7.44 -0.72 6.52
H3'' AZW A 3 -8.83 -1.58 5.79
P AZW B 3 -12.93 5.18 -0.51
OP1 AZW B 3 -13.74 6.03 -1.41
OP2 AZW B 3 -13.27 5.10 0.93
O5' AZW B 3 -12.91 3.69 -1.09
C5' AZW B 3 -12.48 3.42 -2.41
C1A AZW B 3 -11.79 2.08 -2.47
C2A AZW B 3 -11.77 1.35 -3.66
C6A AZW B 3 -11.15 1.56 -1.34
C3A AZW B 3 -11.13 0.11 -3.73
C5A AZW B 3 -10.51 0.31 -1.40
C4A AZW B 3 -10.50 -0.41 -2.60
N5A AZW B 3 -9.84 -1.66 -2.67
C1B AZW B 3 -8.45 -6.53 -2.55
C2B AZW B 3 -9.50 -6.23 -3.43
C6B AZW B 3 -8.04 -5.57 -1.60
C3B AZW B 3 -10.14 -4.98 -3.35
C5B AZW B 3 -8.70 -4.33 -1.53
C4B AZW B 3 -9.74 -4.03 -2.41
N5B AZW B 3 -10.40 -2.79 -2.33
C3' AZW B 3 -7.75 -7.87 -2.61
O3' AZW B 3 -8.44 -8.77 -3.47
H5' AZW B 3 -11.79 4.20 -2.74
H5'' AZW B 3 -13.34 3.41 -3.09
H2A AZW B 3 -12.27 1.75 -4.55
H6A AZW B 3 -11.16 2.11 -0.40
H3A AZW B 3 -11.13 -0.45 -4.66
H5A AZW B 3 -10.02 -0.10 -0.51
H2B AZW B 3 -9.82 -6.96 -4.17
H6B AZW B 3 -7.23 -5.81 -0.91
H3B AZW B 3 -10.96 -4.75 -4.05
H5B AZW B 3 -8.38 -3.60 -0.78
H3' AZW B 3 -6.74 -7.77 -3.01
H3'' AZW B 3 -7.72 -8.33 -1.63
P AZW C 3 10.25 3.80 8.84
OP1 AZW C 3 11.11 3.32 9.94
OP2 AZW C 3 10.04 5.26 8.66
O5' AZW C 3 10.81 3.22 7.47
C5' AZW C 3 10.92 1.82 7.25
C1A AZW C 3 10.69 1.50 5.79
C2A AZW C 3 10.61 0.17 5.37
C6A AZW C 3 10.54 2.53 4.84
C3A AZW C 3 10.39 -0.15 4.04
C5A AZW C 3 10.34 2.22 3.49
C4A AZW C 3 10.26 0.88 3.08
N5A AZW C 3 10.04 0.55 1.73
C1B AZW C 3 10.33 -0.23 -3.26
C2B AZW C 3 11.40 -0.79 -2.55
C6B AZW C 3 9.46 0.66 -2.61
C3B AZW C 3 11.60 -0.47 -1.20
C5B AZW C 3 9.65 0.99 -1.26
C4B AZW C 3 10.73 0.43 -0.56
N5B AZW C 3 10.94 0.75 0.80
C3' AZW C 3 10.09 -0.58 -4.72
O3' AZW C 3 11.29 -1.00 -5.35
H5' AZW C 3 10.19 1.29 7.86
H5'' AZW C 3 11.92 1.47 7.53
H2A AZW C 3 10.73 -0.64 6.10
H6A AZW C 3 10.60 3.57 5.15
H3A AZW C 3 10.33 -1.19 3.71
H5A AZW C 3 10.22 3.01 2.75
H2B AZW C 3 12.08 -1.47 -3.05
H6B AZW C 3 8.63 1.10 -3.16
H3B AZW C 3 12.43 -0.91 -0.66
H5B AZW C 3 8.98 1.68 -0.76
H3' AZW C 3 9.37 -1.39 -4.81
H3'' AZW C 3 9.75 0.30 -5.26
P AZW D 3 4.33 4.67 -12.86
OP1 AZW D 3 2.95 4.34 -13.28
OP2 AZW D 3 5.45 4.50 -13.82
O5' AZW D 3 4.36 6.16 -12.32
C5' AZW D 3 5.53 6.63 -11.65
C1A AZW D 3 5.27 6.80 -10.16
C2A AZW D 3 4.57 7.92 -9.67
C6A AZW D 3 5.82 5.87 -9.27
C3A AZW D 3 4.44 8.10 -8.29
C5A AZW D 3 5.67 6.06 -7.88
C4A AZW D 3 4.99 7.18 -7.40
N5A AZW D 3 4.92 7.39 -6.00
C1B AZW D 3 6.12 8.28 -1.12
C2B AZW D 3 5.74 9.34 -1.98
C6B AZW D 3 6.42 7.03 -1.67
C3B AZW D 3 5.67 9.13 -3.36
C5B AZW D 3 6.35 6.83 -3.05
C4B AZW D 3 5.98 7.87 -3.90
N5B AZW D 3 5.98 7.67 -5.30
C3' AZW D 3 6.23 8.50 0.37
O3' AZW D 3 6.74 9.79 0.65
H5' AZW D 3 5.84 7.58 -12.08
H5'' AZW D 3 6.33 5.91 -11.77
H2A AZW D 3 4.14 8.64 -10.37
H6A AZW D 3 6.36 5.00 -9.64
H3A AZW D 3 3.89 8.97 -7.92
H5A AZW D 3 6.10 5.33 -7.19
H2B AZW D 3 5.49 10.31 -1.55
H6B AZW D 3 6.72 6.21 -1.02
H3B AZW D 3 5.39 9.95 -4.02
H5B AZW D 3 6.59 5.85 -3.47
H3' AZW D 3 5.26 8.42 0.84
H3'' AZW D 3 6.93 7.78 0.80
K K E . -3.34 -1.78 0.72
K K F . -0.03 0.13 -0.28
K K G . 3.42 1.78 -0.80
#